data_2HSJ
#
_entry.id   2HSJ
#
_cell.length_a   41.032
_cell.length_b   120.063
_cell.length_c   84.743
_cell.angle_alpha   90.00
_cell.angle_beta   99.48
_cell.angle_gamma   90.00
#
_symmetry.space_group_name_H-M   'P 1 21 1'
#
loop_
_entity.id
_entity.type
_entity.pdbx_description
1 polymer 'Putative platelet activating factor'
2 non-polymer 'MAGNESIUM ION'
3 non-polymer GLYCEROL
4 water water
#
_entity_poly.entity_id   1
_entity_poly.type   'polypeptide(L)'
_entity_poly.pdbx_seq_one_letter_code
;SNA(MSE)AVQLLENWLLKEQEKIQTKYRHLNHISVVEPNILFIGDSIVEYYPLQELFGTSKTIVNRGIRGYQTGLLLEN
LDAHLYGGAVDKIFLLIGTNDIGKDVPVNEALNNLEAIIQSVARDYPLTEIKLLSILPVNEREEYQQAVYIRSNEKIQNW
NQAYQELASAY(MSE)QVEFVPVFDCLTDQAGQLKKEYTTDGLHLSIAGYQALSKSLKDYLY
;
_entity_poly.pdbx_strand_id   A,B,C,D
#
# COMPACT_ATOMS: atom_id res chain seq x y z
N ALA A 5 -20.95 35.88 -24.23
CA ALA A 5 -20.31 35.23 -23.10
C ALA A 5 -20.33 33.71 -23.22
N VAL A 6 -21.43 33.17 -23.74
CA VAL A 6 -21.57 31.73 -23.92
C VAL A 6 -20.61 31.18 -25.00
N GLN A 7 -20.48 31.88 -26.13
CA GLN A 7 -19.48 31.55 -27.13
C GLN A 7 -18.09 31.44 -26.47
N LEU A 8 -17.74 32.40 -25.61
CA LEU A 8 -16.44 32.39 -24.96
C LEU A 8 -16.31 31.37 -23.79
N LEU A 9 -17.42 30.98 -23.17
CA LEU A 9 -17.41 29.82 -22.25
C LEU A 9 -17.19 28.50 -22.99
N GLU A 10 -17.84 28.35 -24.14
CA GLU A 10 -17.54 27.23 -25.05
C GLU A 10 -16.05 27.24 -25.41
N ASN A 11 -15.55 28.43 -25.71
CA ASN A 11 -14.13 28.62 -26.00
C ASN A 11 -13.21 28.30 -24.82
N TRP A 12 -13.62 28.71 -23.61
N TRP A 12 -13.63 28.67 -23.59
CA TRP A 12 -12.86 28.36 -22.40
CA TRP A 12 -12.85 28.37 -22.36
C TRP A 12 -12.68 26.85 -22.36
C TRP A 12 -12.72 26.85 -22.12
N LEU A 13 -13.80 26.12 -22.36
CA LEU A 13 -13.77 24.65 -22.26
C LEU A 13 -12.87 24.03 -23.32
N LEU A 14 -13.00 24.45 -24.58
CA LEU A 14 -12.18 23.91 -25.65
C LEU A 14 -10.70 24.09 -25.36
N LYS A 15 -10.32 25.31 -24.95
CA LYS A 15 -8.92 25.59 -24.63
C LYS A 15 -8.43 24.77 -23.43
N GLU A 16 -9.28 24.54 -22.44
CA GLU A 16 -8.82 23.75 -21.30
C GLU A 16 -8.66 22.30 -21.75
N GLN A 17 -9.55 21.81 -22.59
CA GLN A 17 -9.41 20.44 -23.13
C GLN A 17 -8.13 20.28 -23.93
N GLU A 18 -7.81 21.26 -24.80
CA GLU A 18 -6.57 21.18 -25.59
C GLU A 18 -5.33 21.17 -24.70
N LYS A 19 -5.35 21.97 -23.63
CA LYS A 19 -4.25 22.03 -22.68
C LYS A 19 -4.05 20.66 -22.01
N ILE A 20 -5.14 20.00 -21.63
CA ILE A 20 -5.03 18.67 -21.03
C ILE A 20 -4.54 17.62 -22.04
N GLN A 21 -5.07 17.70 -23.27
CA GLN A 21 -4.56 16.84 -24.34
C GLN A 21 -3.05 16.98 -24.55
N THR A 22 -2.56 18.21 -24.55
CA THR A 22 -1.12 18.47 -24.68
C THR A 22 -0.38 17.82 -23.51
N LYS A 23 -0.90 18.03 -22.30
CA LYS A 23 -0.26 17.48 -21.10
C LYS A 23 -0.17 15.96 -21.17
N TYR A 24 -1.28 15.32 -21.53
CA TYR A 24 -1.32 13.88 -21.63
C TYR A 24 -0.39 13.37 -22.72
N ARG A 25 -0.40 14.02 -23.87
CA ARG A 25 0.48 13.54 -24.95
C ARG A 25 1.95 13.56 -24.52
N HIS A 26 2.35 14.57 -23.75
CA HIS A 26 3.74 14.62 -23.29
C HIS A 26 3.98 13.59 -22.19
N LEU A 27 3.03 13.48 -21.25
CA LEU A 27 3.16 12.44 -20.21
C LEU A 27 3.28 11.03 -20.77
N ASN A 28 2.53 10.75 -21.82
CA ASN A 28 2.55 9.41 -22.43
C ASN A 28 3.99 9.03 -22.82
N HIS A 29 4.79 10.02 -23.19
CA HIS A 29 6.17 9.76 -23.62
C HIS A 29 7.14 9.65 -22.45
N ILE A 30 6.95 10.44 -21.41
CA ILE A 30 7.99 10.49 -20.37
C ILE A 30 7.60 9.85 -19.04
N SER A 31 6.38 9.34 -18.96
CA SER A 31 5.89 8.72 -17.71
C SER A 31 6.89 7.66 -17.24
N VAL A 32 7.06 7.59 -15.92
CA VAL A 32 7.98 6.61 -15.35
C VAL A 32 7.25 5.33 -14.92
N VAL A 33 5.94 5.28 -15.16
CA VAL A 33 5.16 4.07 -14.80
C VAL A 33 4.64 3.32 -16.01
N GLU A 34 4.40 2.02 -15.79
CA GLU A 34 3.70 1.17 -16.76
C GLU A 34 2.27 1.04 -16.28
N PRO A 35 1.32 1.74 -16.93
CA PRO A 35 -0.07 1.60 -16.45
C PRO A 35 -0.56 0.15 -16.56
N ASN A 36 -1.15 -0.36 -15.49
CA ASN A 36 -1.85 -1.63 -15.57
C ASN A 36 -3.29 -1.40 -16.03
N ILE A 37 -3.87 -0.28 -15.60
N ILE A 37 -3.86 -0.28 -15.58
CA ILE A 37 -5.24 0.07 -15.95
CA ILE A 37 -5.23 0.10 -15.89
C ILE A 37 -5.31 1.55 -16.30
C ILE A 37 -5.18 1.55 -16.38
N LEU A 38 -5.93 1.85 -17.43
CA LEU A 38 -6.16 3.23 -17.85
C LEU A 38 -7.64 3.58 -17.63
N PHE A 39 -7.93 4.73 -17.03
CA PHE A 39 -9.31 5.22 -16.93
C PHE A 39 -9.47 6.37 -17.90
N ILE A 40 -10.39 6.23 -18.84
CA ILE A 40 -10.59 7.20 -19.90
C ILE A 40 -12.03 7.66 -19.85
N GLY A 41 -12.23 8.96 -20.05
CA GLY A 41 -13.58 9.47 -20.17
C GLY A 41 -13.67 10.95 -19.91
N ASP A 42 -14.81 11.36 -19.34
CA ASP A 42 -15.13 12.77 -19.23
C ASP A 42 -14.81 13.32 -17.82
N SER A 43 -15.57 14.31 -17.38
N SER A 43 -15.53 14.33 -17.36
CA SER A 43 -15.35 14.95 -16.08
CA SER A 43 -15.19 14.93 -16.05
C SER A 43 -15.34 13.96 -14.94
C SER A 43 -15.35 13.97 -14.89
N ILE A 44 -16.28 13.01 -14.98
CA ILE A 44 -16.39 12.06 -13.87
C ILE A 44 -15.08 11.27 -13.72
N VAL A 45 -14.42 10.97 -14.84
CA VAL A 45 -13.11 10.33 -14.78
C VAL A 45 -12.04 11.34 -14.36
N GLU A 46 -11.99 12.53 -14.98
CA GLU A 46 -10.88 13.45 -14.64
C GLU A 46 -10.83 13.69 -13.14
N TYR A 47 -11.99 13.82 -12.54
CA TYR A 47 -12.05 14.22 -11.13
C TYR A 47 -12.07 13.04 -10.16
N TYR A 48 -11.99 11.82 -10.70
CA TYR A 48 -12.07 10.60 -9.87
C TYR A 48 -10.81 10.45 -9.03
N PRO A 49 -10.95 10.35 -7.70
CA PRO A 49 -9.80 10.12 -6.81
C PRO A 49 -9.38 8.66 -6.83
N LEU A 50 -8.80 8.25 -7.97
CA LEU A 50 -8.44 6.83 -8.18
C LEU A 50 -7.48 6.29 -7.14
N GLN A 51 -6.42 7.04 -6.85
CA GLN A 51 -5.42 6.56 -5.90
C GLN A 51 -6.04 6.32 -4.53
N GLU A 52 -6.74 7.33 -4.03
CA GLU A 52 -7.21 7.24 -2.64
C GLU A 52 -8.42 6.32 -2.47
N LEU A 53 -9.12 6.02 -3.56
CA LEU A 53 -10.26 5.10 -3.42
C LEU A 53 -10.02 3.65 -3.83
N PHE A 54 -9.12 3.43 -4.82
CA PHE A 54 -8.77 2.07 -5.25
C PHE A 54 -7.44 1.59 -4.67
N GLY A 55 -6.58 2.52 -4.24
CA GLY A 55 -5.27 2.13 -3.77
C GLY A 55 -4.35 1.87 -4.95
N THR A 56 -3.14 1.36 -4.65
CA THR A 56 -2.10 1.34 -5.67
C THR A 56 -1.55 -0.07 -5.89
N SER A 57 -2.30 -1.09 -5.48
CA SER A 57 -1.84 -2.47 -5.73
C SER A 57 -1.64 -2.68 -7.24
N LYS A 58 -2.47 -2.01 -8.05
CA LYS A 58 -2.31 -1.98 -9.51
C LYS A 58 -2.15 -0.54 -9.92
N THR A 59 -1.36 -0.29 -10.95
CA THR A 59 -1.08 1.09 -11.36
C THR A 59 -2.21 1.55 -12.28
N ILE A 60 -3.03 2.44 -11.75
CA ILE A 60 -4.22 2.96 -12.46
C ILE A 60 -3.91 4.41 -12.83
N VAL A 61 -4.02 4.71 -14.13
CA VAL A 61 -3.66 6.04 -14.62
C VAL A 61 -4.89 6.75 -15.16
N ASN A 62 -4.99 8.03 -14.80
CA ASN A 62 -6.13 8.87 -15.20
C ASN A 62 -5.86 9.53 -16.56
N ARG A 63 -6.77 9.28 -17.49
CA ARG A 63 -6.75 9.95 -18.80
C ARG A 63 -8.17 10.50 -19.08
N GLY A 64 -8.82 11.06 -18.06
CA GLY A 64 -10.10 11.70 -18.26
C GLY A 64 -9.96 13.19 -18.58
N ILE A 65 -10.97 13.74 -19.24
CA ILE A 65 -10.97 15.18 -19.56
C ILE A 65 -12.38 15.75 -19.41
N ARG A 66 -12.46 16.82 -18.62
CA ARG A 66 -13.73 17.49 -18.41
C ARG A 66 -14.44 17.85 -19.75
N GLY A 67 -15.76 17.69 -19.75
CA GLY A 67 -16.59 18.05 -20.88
C GLY A 67 -16.47 17.16 -22.10
N TYR A 68 -15.78 16.02 -21.95
CA TYR A 68 -15.51 15.18 -23.12
C TYR A 68 -16.77 14.51 -23.65
N GLN A 69 -16.72 14.24 -24.94
CA GLN A 69 -17.79 13.56 -25.67
C GLN A 69 -17.13 12.50 -26.53
N THR A 70 -17.93 11.54 -26.97
CA THR A 70 -17.37 10.41 -27.74
C THR A 70 -16.58 10.87 -28.96
N GLY A 71 -17.04 11.92 -29.65
CA GLY A 71 -16.34 12.39 -30.86
C GLY A 71 -14.99 12.98 -30.56
N LEU A 72 -14.92 13.74 -29.47
CA LEU A 72 -13.65 14.37 -29.09
C LEU A 72 -12.64 13.30 -28.66
N LEU A 73 -13.14 12.27 -27.97
CA LEU A 73 -12.29 11.19 -27.55
C LEU A 73 -11.72 10.44 -28.75
N LEU A 74 -12.57 10.16 -29.71
CA LEU A 74 -12.13 9.39 -30.87
C LEU A 74 -11.07 10.20 -31.65
N GLU A 75 -11.35 11.48 -31.88
CA GLU A 75 -10.39 12.33 -32.62
C GLU A 75 -9.02 12.45 -31.96
N ASN A 76 -9.01 12.33 -30.63
CA ASN A 76 -7.79 12.55 -29.83
C ASN A 76 -7.41 11.31 -29.03
N LEU A 77 -7.79 10.14 -29.54
CA LEU A 77 -7.62 8.90 -28.81
C LEU A 77 -6.16 8.63 -28.41
N ASP A 78 -5.20 9.05 -29.26
CA ASP A 78 -3.79 8.85 -28.97
C ASP A 78 -3.33 9.49 -27.65
N ALA A 79 -4.03 10.55 -27.23
CA ALA A 79 -3.66 11.25 -25.99
C ALA A 79 -3.96 10.39 -24.76
N HIS A 80 -4.81 9.37 -24.96
CA HIS A 80 -5.40 8.65 -23.82
C HIS A 80 -4.83 7.26 -23.58
N LEU A 81 -3.93 6.84 -24.46
CA LEU A 81 -3.44 5.47 -24.44
C LEU A 81 -1.92 5.45 -24.42
N TYR A 82 -1.34 4.72 -23.45
CA TYR A 82 0.10 4.40 -23.53
C TYR A 82 0.42 3.19 -22.67
N GLY A 83 1.62 2.63 -22.82
CA GLY A 83 2.10 1.55 -21.94
C GLY A 83 2.33 0.26 -22.71
N GLY A 84 3.28 -0.55 -22.21
CA GLY A 84 3.60 -1.84 -22.82
C GLY A 84 2.93 -3.04 -22.17
N ALA A 85 2.17 -2.80 -21.10
CA ALA A 85 1.54 -3.91 -20.37
C ALA A 85 0.21 -3.50 -19.74
N VAL A 86 -0.71 -3.06 -20.60
CA VAL A 86 -2.02 -2.53 -20.12
C VAL A 86 -3.01 -3.69 -20.05
N ASP A 87 -3.46 -3.99 -18.83
CA ASP A 87 -4.38 -5.13 -18.62
C ASP A 87 -5.82 -4.70 -18.97
N LYS A 88 -6.22 -3.52 -18.53
CA LYS A 88 -7.62 -3.07 -18.71
C LYS A 88 -7.70 -1.60 -19.01
N ILE A 89 -8.72 -1.25 -19.77
CA ILE A 89 -9.14 0.15 -19.97
C ILE A 89 -10.58 0.32 -19.52
N PHE A 90 -10.84 1.28 -18.63
CA PHE A 90 -12.19 1.60 -18.20
C PHE A 90 -12.61 2.86 -18.92
N LEU A 91 -13.77 2.82 -19.55
CA LEU A 91 -14.28 3.92 -20.33
C LEU A 91 -15.65 4.38 -19.82
N LEU A 92 -15.70 5.64 -19.37
CA LEU A 92 -16.93 6.26 -18.92
C LEU A 92 -17.13 7.54 -19.72
N ILE A 93 -18.09 7.49 -20.64
CA ILE A 93 -18.33 8.62 -21.52
C ILE A 93 -19.70 8.52 -22.16
N GLY A 94 -20.26 9.67 -22.53
CA GLY A 94 -21.57 9.73 -23.19
C GLY A 94 -22.53 10.72 -22.56
N THR A 95 -22.40 10.97 -21.26
CA THR A 95 -23.34 11.92 -20.66
C THR A 95 -23.31 13.31 -21.31
N ASN A 96 -22.13 13.70 -21.84
CA ASN A 96 -22.06 15.01 -22.52
C ASN A 96 -22.54 14.97 -23.96
N ASP A 97 -22.48 13.77 -24.55
CA ASP A 97 -23.13 13.58 -25.84
C ASP A 97 -24.62 13.79 -25.69
N ILE A 98 -25.21 13.16 -24.68
CA ILE A 98 -26.63 13.37 -24.36
C ILE A 98 -26.92 14.85 -24.07
N GLY A 99 -26.04 15.47 -23.28
CA GLY A 99 -26.22 16.89 -22.93
C GLY A 99 -26.16 17.84 -24.10
N LYS A 100 -25.47 17.44 -25.16
CA LYS A 100 -25.35 18.24 -26.38
C LYS A 100 -26.27 17.75 -27.48
N ASP A 101 -27.12 16.78 -27.18
CA ASP A 101 -28.12 16.28 -28.14
C ASP A 101 -27.46 15.62 -29.37
N VAL A 102 -26.33 14.95 -29.15
CA VAL A 102 -25.70 14.17 -30.21
C VAL A 102 -26.61 12.95 -30.48
N PRO A 103 -26.92 12.65 -31.76
CA PRO A 103 -27.69 11.46 -32.11
C PRO A 103 -27.06 10.20 -31.54
N VAL A 104 -27.87 9.34 -30.92
CA VAL A 104 -27.35 8.11 -30.35
C VAL A 104 -26.53 7.30 -31.37
N ASN A 105 -27.03 7.20 -32.59
CA ASN A 105 -26.26 6.47 -33.63
C ASN A 105 -24.85 7.01 -33.83
N GLU A 106 -24.72 8.35 -33.78
CA GLU A 106 -23.43 9.00 -33.96
C GLU A 106 -22.47 8.66 -32.83
N ALA A 107 -22.98 8.72 -31.60
CA ALA A 107 -22.16 8.38 -30.43
C ALA A 107 -21.75 6.90 -30.46
N LEU A 108 -22.67 6.01 -30.83
CA LEU A 108 -22.34 4.57 -30.89
C LEU A 108 -21.31 4.22 -31.96
N ASN A 109 -21.41 4.87 -33.12
CA ASN A 109 -20.40 4.70 -34.17
C ASN A 109 -19.05 5.23 -33.68
N ASN A 110 -19.04 6.35 -32.96
CA ASN A 110 -17.76 6.82 -32.41
C ASN A 110 -17.18 5.78 -31.44
N LEU A 111 -18.03 5.26 -30.55
CA LEU A 111 -17.55 4.26 -29.59
C LEU A 111 -17.05 3.00 -30.26
N GLU A 112 -17.77 2.57 -31.30
CA GLU A 112 -17.34 1.38 -32.03
C GLU A 112 -15.98 1.63 -32.67
N ALA A 113 -15.81 2.82 -33.26
CA ALA A 113 -14.52 3.22 -33.82
C ALA A 113 -13.40 3.23 -32.76
N ILE A 114 -13.71 3.72 -31.57
CA ILE A 114 -12.75 3.67 -30.47
C ILE A 114 -12.39 2.23 -30.08
N ILE A 115 -13.41 1.40 -29.89
CA ILE A 115 -13.15 0.01 -29.54
C ILE A 115 -12.27 -0.68 -30.61
N GLN A 116 -12.57 -0.47 -31.89
CA GLN A 116 -11.77 -1.10 -32.94
C GLN A 116 -10.31 -0.65 -32.94
N SER A 117 -10.09 0.64 -32.67
CA SER A 117 -8.74 1.20 -32.63
C SER A 117 -7.93 0.58 -31.48
N VAL A 118 -8.52 0.61 -30.28
CA VAL A 118 -7.90 -0.05 -29.13
C VAL A 118 -7.60 -1.55 -29.41
N ALA A 119 -8.54 -2.25 -30.04
CA ALA A 119 -8.36 -3.66 -30.41
C ALA A 119 -7.11 -3.98 -31.21
N ARG A 120 -6.78 -3.16 -32.20
CA ARG A 120 -5.60 -3.42 -33.00
C ARG A 120 -4.29 -3.06 -32.32
N ASP A 121 -4.29 -1.96 -31.55
CA ASP A 121 -3.10 -1.46 -30.86
C ASP A 121 -2.84 -2.16 -29.52
N TYR A 122 -3.91 -2.61 -28.86
CA TYR A 122 -3.84 -3.21 -27.51
C TYR A 122 -4.62 -4.52 -27.49
N PRO A 123 -4.12 -5.55 -28.20
CA PRO A 123 -4.97 -6.73 -28.39
C PRO A 123 -5.19 -7.61 -27.14
N LEU A 124 -4.33 -7.50 -26.11
CA LEU A 124 -4.51 -8.37 -24.94
C LEU A 124 -5.25 -7.63 -23.82
N THR A 125 -5.66 -6.40 -24.13
CA THR A 125 -6.25 -5.46 -23.17
C THR A 125 -7.78 -5.54 -23.13
N GLU A 126 -8.35 -5.64 -21.93
CA GLU A 126 -9.78 -5.70 -21.79
C GLU A 126 -10.32 -4.30 -21.75
N ILE A 127 -11.45 -4.07 -22.38
CA ILE A 127 -12.15 -2.79 -22.32
C ILE A 127 -13.36 -2.99 -21.44
N LYS A 128 -13.51 -2.13 -20.42
CA LYS A 128 -14.70 -2.13 -19.57
C LYS A 128 -15.50 -0.89 -19.89
N LEU A 129 -16.64 -1.06 -20.57
CA LEU A 129 -17.48 0.03 -21.02
C LEU A 129 -18.54 0.26 -19.96
N LEU A 130 -18.39 1.34 -19.19
CA LEU A 130 -19.35 1.59 -18.12
C LEU A 130 -20.68 2.10 -18.63
N SER A 131 -21.77 1.72 -17.96
CA SER A 131 -23.01 2.42 -18.18
C SER A 131 -22.83 3.90 -17.87
N ILE A 132 -23.44 4.75 -18.67
CA ILE A 132 -23.53 6.17 -18.29
C ILE A 132 -24.25 6.27 -16.94
N LEU A 133 -23.78 7.17 -16.08
CA LEU A 133 -24.34 7.23 -14.73
C LEU A 133 -25.68 7.98 -14.71
N PRO A 134 -26.48 7.72 -13.67
CA PRO A 134 -27.74 8.46 -13.58
C PRO A 134 -27.51 9.92 -13.22
N VAL A 135 -28.51 10.75 -13.47
CA VAL A 135 -28.50 12.14 -13.03
C VAL A 135 -29.63 12.30 -12.01
N ASN A 136 -29.63 13.44 -11.32
CA ASN A 136 -30.77 13.78 -10.48
C ASN A 136 -31.59 14.91 -11.14
N GLU A 137 -32.85 14.62 -11.47
CA GLU A 137 -33.67 15.50 -12.33
C GLU A 137 -34.36 16.64 -11.60
N ARG A 138 -34.18 16.72 -10.28
CA ARG A 138 -34.83 17.77 -9.49
C ARG A 138 -34.42 19.17 -9.97
N GLU A 139 -35.34 20.12 -9.85
CA GLU A 139 -35.09 21.46 -10.41
C GLU A 139 -33.84 22.11 -9.85
N GLU A 140 -33.53 21.84 -8.58
CA GLU A 140 -32.37 22.43 -7.93
C GLU A 140 -31.05 22.09 -8.64
N TYR A 141 -31.03 21.00 -9.42
CA TYR A 141 -29.83 20.56 -10.12
C TYR A 141 -29.81 20.86 -11.62
N GLN A 142 -30.78 21.65 -12.09
CA GLN A 142 -30.93 21.83 -13.53
C GLN A 142 -29.78 22.52 -14.26
N GLN A 143 -28.99 23.33 -13.55
N GLN A 143 -29.02 23.36 -13.56
CA GLN A 143 -27.84 24.02 -14.15
CA GLN A 143 -27.88 23.99 -14.21
C GLN A 143 -26.72 23.09 -14.63
C GLN A 143 -26.98 22.92 -14.79
N ALA A 144 -26.58 21.94 -13.97
CA ALA A 144 -25.60 20.94 -14.39
C ALA A 144 -26.29 19.89 -15.23
N VAL A 145 -27.49 19.49 -14.83
CA VAL A 145 -28.14 18.34 -15.48
C VAL A 145 -28.68 18.70 -16.87
N TYR A 146 -29.27 19.89 -17.02
CA TYR A 146 -29.69 20.39 -18.31
C TYR A 146 -30.66 19.39 -18.95
N ILE A 147 -30.49 19.05 -20.24
CA ILE A 147 -31.48 18.23 -20.93
C ILE A 147 -31.31 16.73 -20.70
N ARG A 148 -30.35 16.34 -19.87
CA ARG A 148 -30.18 14.91 -19.58
C ARG A 148 -31.37 14.39 -18.81
N SER A 149 -31.80 13.17 -19.12
CA SER A 149 -32.84 12.51 -18.33
C SER A 149 -32.40 11.06 -18.13
N ASN A 150 -32.89 10.47 -17.03
CA ASN A 150 -32.61 9.06 -16.80
C ASN A 150 -33.25 8.12 -17.83
N GLU A 151 -34.36 8.53 -18.42
CA GLU A 151 -34.92 7.73 -19.49
C GLU A 151 -33.96 7.66 -20.68
N LYS A 152 -33.39 8.80 -21.07
N LYS A 152 -33.38 8.79 -21.09
CA LYS A 152 -32.42 8.87 -22.16
CA LYS A 152 -32.44 8.77 -22.21
C LYS A 152 -31.21 8.00 -21.82
C LYS A 152 -31.16 8.02 -21.85
N ILE A 153 -30.68 8.23 -20.63
CA ILE A 153 -29.47 7.52 -20.19
C ILE A 153 -29.69 6.00 -20.21
N GLN A 154 -30.85 5.55 -19.74
CA GLN A 154 -31.08 4.10 -19.74
C GLN A 154 -31.18 3.57 -21.16
N ASN A 155 -31.76 4.35 -22.07
CA ASN A 155 -31.84 3.93 -23.48
C ASN A 155 -30.44 3.84 -24.10
N TRP A 156 -29.58 4.82 -23.82
CA TRP A 156 -28.20 4.76 -24.31
C TRP A 156 -27.48 3.58 -23.68
N ASN A 157 -27.72 3.30 -22.40
CA ASN A 157 -27.06 2.18 -21.78
C ASN A 157 -27.46 0.84 -22.41
N GLN A 158 -28.72 0.73 -22.85
CA GLN A 158 -29.12 -0.48 -23.58
C GLN A 158 -28.30 -0.65 -24.85
N ALA A 159 -28.08 0.46 -25.56
CA ALA A 159 -27.29 0.46 -26.77
C ALA A 159 -25.81 0.15 -26.47
N TYR A 160 -25.31 0.69 -25.36
CA TYR A 160 -23.93 0.35 -25.00
C TYR A 160 -23.79 -1.15 -24.73
N GLN A 161 -24.75 -1.72 -24.02
CA GLN A 161 -24.73 -3.14 -23.72
C GLN A 161 -24.72 -3.93 -25.02
N GLU A 162 -25.49 -3.48 -26.00
CA GLU A 162 -25.56 -4.24 -27.27
C GLU A 162 -24.24 -4.15 -28.03
N LEU A 163 -23.63 -2.97 -28.01
CA LEU A 163 -22.35 -2.78 -28.66
C LEU A 163 -21.28 -3.66 -27.99
N ALA A 164 -21.26 -3.68 -26.64
CA ALA A 164 -20.32 -4.54 -25.90
C ALA A 164 -20.43 -6.00 -26.31
N SER A 165 -21.65 -6.46 -26.58
N SER A 165 -21.66 -6.45 -26.59
CA SER A 165 -21.88 -7.87 -26.97
CA SER A 165 -21.92 -7.85 -26.98
C SER A 165 -21.24 -8.26 -28.30
C SER A 165 -21.30 -8.25 -28.33
N ALA A 166 -20.82 -7.26 -29.08
CA ALA A 166 -20.27 -7.52 -30.40
C ALA A 166 -18.75 -7.63 -30.41
N TYR A 167 -18.12 -7.46 -29.23
CA TYR A 167 -16.64 -7.53 -29.11
C TYR A 167 -16.27 -8.35 -27.89
N GLN A 169 -13.54 -8.55 -26.42
CA GLN A 169 -12.64 -7.74 -25.56
C GLN A 169 -13.40 -6.73 -24.67
N VAL A 170 -14.68 -6.49 -24.98
CA VAL A 170 -15.43 -5.43 -24.28
C VAL A 170 -16.44 -6.05 -23.35
N GLU A 171 -16.41 -5.62 -22.09
CA GLU A 171 -17.44 -6.00 -21.12
C GLU A 171 -18.21 -4.73 -20.72
N PHE A 172 -19.54 -4.78 -20.84
CA PHE A 172 -20.40 -3.72 -20.30
C PHE A 172 -20.45 -3.85 -18.78
N VAL A 173 -20.31 -2.71 -18.11
CA VAL A 173 -20.25 -2.69 -16.65
C VAL A 173 -21.46 -1.90 -16.14
N PRO A 174 -22.48 -2.62 -15.64
CA PRO A 174 -23.72 -1.96 -15.24
C PRO A 174 -23.60 -1.39 -13.86
N VAL A 175 -23.24 -0.11 -13.79
CA VAL A 175 -23.15 0.58 -12.48
C VAL A 175 -24.28 1.58 -12.21
N PHE A 176 -25.08 1.88 -13.23
CA PHE A 176 -26.20 2.85 -13.10
C PHE A 176 -27.05 2.54 -11.88
N ASP A 177 -27.49 1.28 -11.76
CA ASP A 177 -28.43 0.94 -10.68
C ASP A 177 -27.85 1.04 -9.26
N CYS A 178 -26.52 1.01 -9.17
CA CYS A 178 -25.81 1.13 -7.90
C CYS A 178 -25.88 2.55 -7.36
N LEU A 179 -26.21 3.50 -8.24
CA LEU A 179 -26.12 4.90 -7.86
C LEU A 179 -27.47 5.62 -7.71
N THR A 180 -28.57 4.89 -7.96
CA THR A 180 -29.92 5.46 -7.95
C THR A 180 -30.62 5.34 -6.60
N ASP A 181 -31.52 6.29 -6.34
CA ASP A 181 -32.40 6.25 -5.17
C ASP A 181 -33.67 5.51 -5.54
N GLN A 182 -34.66 5.51 -4.64
CA GLN A 182 -35.89 4.75 -4.87
C GLN A 182 -36.70 5.29 -6.06
N ALA A 183 -36.49 6.57 -6.39
CA ALA A 183 -37.16 7.23 -7.52
C ALA A 183 -36.36 7.08 -8.83
N GLY A 184 -35.25 6.36 -8.78
CA GLY A 184 -34.43 6.14 -9.98
C GLY A 184 -33.56 7.31 -10.36
N GLN A 185 -33.39 8.26 -9.44
CA GLN A 185 -32.52 9.40 -9.61
C GLN A 185 -31.15 9.09 -9.00
N LEU A 186 -30.10 9.75 -9.47
CA LEU A 186 -28.82 9.74 -8.75
C LEU A 186 -29.02 10.19 -7.31
N LYS A 187 -28.60 9.36 -6.35
CA LYS A 187 -28.86 9.67 -4.93
C LYS A 187 -28.31 11.02 -4.55
N LYS A 188 -29.10 11.78 -3.79
CA LYS A 188 -28.67 13.11 -3.37
C LYS A 188 -27.28 13.10 -2.66
N GLU A 189 -27.02 12.15 -1.78
N GLU A 189 -27.07 12.10 -1.81
CA GLU A 189 -25.73 12.16 -1.11
CA GLU A 189 -25.82 11.96 -1.09
C GLU A 189 -24.58 11.70 -2.03
C GLU A 189 -24.64 11.74 -2.03
N TYR A 190 -24.92 11.14 -3.20
CA TYR A 190 -23.87 10.73 -4.16
C TYR A 190 -23.47 11.84 -5.15
N THR A 191 -24.14 13.00 -5.07
CA THR A 191 -23.92 14.03 -6.10
C THR A 191 -23.61 15.37 -5.49
N THR A 192 -22.86 16.19 -6.23
CA THR A 192 -22.60 17.58 -5.83
C THR A 192 -23.62 18.51 -6.50
N ASP A 193 -23.84 18.31 -7.80
CA ASP A 193 -24.66 19.25 -8.60
C ASP A 193 -25.73 18.56 -9.43
N GLY A 194 -25.97 17.27 -9.16
CA GLY A 194 -26.96 16.48 -9.88
C GLY A 194 -26.38 15.63 -10.98
N LEU A 195 -25.12 15.90 -11.35
CA LEU A 195 -24.45 15.23 -12.45
C LEU A 195 -23.10 14.64 -11.97
N HIS A 196 -22.28 15.50 -11.37
CA HIS A 196 -20.98 15.09 -10.86
C HIS A 196 -21.15 14.39 -9.52
N LEU A 197 -20.16 13.55 -9.19
CA LEU A 197 -20.25 12.79 -7.95
C LEU A 197 -19.58 13.45 -6.76
N SER A 198 -20.20 13.28 -5.60
CA SER A 198 -19.57 13.62 -4.34
C SER A 198 -18.57 12.51 -3.99
N ILE A 199 -17.78 12.67 -2.93
CA ILE A 199 -16.90 11.57 -2.54
C ILE A 199 -17.73 10.32 -2.13
N ALA A 200 -18.87 10.51 -1.44
CA ALA A 200 -19.72 9.33 -1.16
C ALA A 200 -20.08 8.64 -2.47
N GLY A 201 -20.36 9.43 -3.52
CA GLY A 201 -20.74 8.85 -4.81
C GLY A 201 -19.59 8.09 -5.43
N TYR A 202 -18.40 8.70 -5.39
CA TYR A 202 -17.21 8.02 -5.91
C TYR A 202 -16.89 6.77 -5.11
N GLN A 203 -17.10 6.81 -3.79
CA GLN A 203 -16.83 5.60 -2.99
C GLN A 203 -17.83 4.50 -3.40
N ALA A 204 -19.09 4.87 -3.64
CA ALA A 204 -20.09 3.85 -4.04
C ALA A 204 -19.77 3.30 -5.42
N LEU A 205 -19.38 4.18 -6.34
CA LEU A 205 -18.96 3.76 -7.67
C LEU A 205 -17.75 2.81 -7.60
N SER A 206 -16.77 3.16 -6.76
CA SER A 206 -15.58 2.36 -6.63
C SER A 206 -15.92 0.96 -6.11
N LYS A 207 -16.84 0.91 -5.15
CA LYS A 207 -17.24 -0.39 -4.59
C LYS A 207 -17.88 -1.24 -5.67
N SER A 208 -18.70 -0.61 -6.51
CA SER A 208 -19.35 -1.31 -7.61
C SER A 208 -18.36 -1.83 -8.67
N LEU A 209 -17.26 -1.09 -8.87
CA LEU A 209 -16.27 -1.40 -9.92
C LEU A 209 -15.25 -2.43 -9.48
N LYS A 210 -15.08 -2.58 -8.17
CA LYS A 210 -13.99 -3.41 -7.64
C LYS A 210 -13.93 -4.78 -8.27
N ASP A 211 -15.06 -5.44 -8.47
CA ASP A 211 -15.04 -6.79 -9.03
C ASP A 211 -14.55 -6.85 -10.49
N TYR A 212 -14.57 -5.70 -11.16
CA TYR A 212 -14.17 -5.62 -12.57
C TYR A 212 -12.72 -5.23 -12.71
N LEU A 213 -12.17 -4.65 -11.64
CA LEU A 213 -10.79 -4.15 -11.64
C LEU A 213 -9.82 -5.26 -11.23
N TYR A 214 -10.21 -6.05 -10.22
CA TYR A 214 -9.35 -7.04 -9.54
C TYR A 214 -9.91 -8.45 -9.67
N ALA B 3 28.64 -35.24 19.42
CA ALA B 3 29.24 -34.59 18.20
C ALA B 3 28.44 -34.88 16.93
N ALA B 5 25.13 -36.08 16.53
CA ALA B 5 23.79 -35.50 16.56
C ALA B 5 23.80 -33.97 16.46
N VAL B 6 24.85 -33.35 17.02
CA VAL B 6 24.99 -31.89 17.00
C VAL B 6 25.32 -31.41 15.57
N GLN B 7 26.16 -32.16 14.87
CA GLN B 7 26.43 -31.92 13.46
C GLN B 7 25.16 -32.09 12.60
N LEU B 8 24.37 -33.11 12.90
CA LEU B 8 23.11 -33.28 12.15
C LEU B 8 22.14 -32.15 12.44
N LEU B 9 22.17 -31.61 13.65
CA LEU B 9 21.38 -30.43 13.95
C LEU B 9 21.88 -29.18 13.20
N GLU B 10 23.19 -29.07 13.00
CA GLU B 10 23.72 -27.95 12.22
C GLU B 10 23.29 -28.10 10.75
N ASN B 11 23.25 -29.34 10.28
CA ASN B 11 22.71 -29.64 8.96
C ASN B 11 21.26 -29.24 8.84
N TRP B 12 20.48 -29.56 9.87
N TRP B 12 20.47 -29.55 9.88
CA TRP B 12 19.05 -29.23 9.90
CA TRP B 12 19.04 -29.23 9.90
C TRP B 12 18.88 -27.72 9.71
C TRP B 12 18.80 -27.72 9.79
N LEU B 13 19.55 -26.95 10.56
CA LEU B 13 19.48 -25.49 10.50
C LEU B 13 19.84 -24.97 9.11
N LEU B 14 20.91 -25.49 8.53
CA LEU B 14 21.32 -25.03 7.20
C LEU B 14 20.24 -25.33 6.17
N LYS B 15 19.66 -26.52 6.26
CA LYS B 15 18.56 -26.87 5.34
C LYS B 15 17.39 -25.88 5.48
N GLU B 16 17.01 -25.58 6.71
CA GLU B 16 15.89 -24.66 6.96
C GLU B 16 16.22 -23.27 6.45
N GLN B 17 17.46 -22.82 6.66
CA GLN B 17 17.86 -21.49 6.17
C GLN B 17 17.76 -21.41 4.65
N GLU B 18 18.21 -22.46 3.96
CA GLU B 18 18.17 -22.51 2.50
C GLU B 18 16.72 -22.45 2.03
N LYS B 19 15.84 -23.20 2.67
CA LYS B 19 14.42 -23.16 2.33
C LYS B 19 13.85 -21.77 2.46
N ILE B 20 14.23 -21.08 3.53
CA ILE B 20 13.69 -19.72 3.75
C ILE B 20 14.28 -18.73 2.73
N GLN B 21 15.56 -18.90 2.41
CA GLN B 21 16.13 -18.08 1.32
C GLN B 21 15.40 -18.25 0.00
N THR B 22 15.04 -19.50 -0.32
CA THR B 22 14.26 -19.76 -1.53
C THR B 22 12.89 -19.10 -1.43
N LYS B 23 12.25 -19.28 -0.27
CA LYS B 23 10.93 -18.65 -0.07
C LYS B 23 11.01 -17.14 -0.33
N TYR B 24 12.02 -16.50 0.25
CA TYR B 24 12.18 -15.06 0.11
C TYR B 24 12.48 -14.68 -1.35
N ARG B 25 13.37 -15.41 -2.02
CA ARG B 25 13.66 -15.04 -3.41
C ARG B 25 12.37 -15.07 -4.22
N HIS B 26 11.54 -16.10 -4.01
CA HIS B 26 10.30 -16.20 -4.78
C HIS B 26 9.31 -15.10 -4.38
N LEU B 27 9.18 -14.82 -3.07
CA LEU B 27 8.24 -13.82 -2.60
C LEU B 27 8.62 -12.41 -3.09
N ASN B 28 9.94 -12.13 -3.10
CA ASN B 28 10.42 -10.81 -3.54
C ASN B 28 9.91 -10.50 -4.95
N HIS B 29 9.81 -11.57 -5.76
N HIS B 29 9.76 -11.51 -5.79
CA HIS B 29 9.41 -11.50 -7.18
CA HIS B 29 9.33 -11.18 -7.14
C HIS B 29 7.94 -11.20 -7.44
C HIS B 29 7.86 -10.90 -7.26
N ILE B 30 7.07 -11.67 -6.53
CA ILE B 30 5.62 -11.62 -6.76
C ILE B 30 4.82 -10.97 -5.62
N SER B 31 5.49 -10.45 -4.62
CA SER B 31 4.82 -9.77 -3.52
C SER B 31 3.89 -8.67 -4.03
N VAL B 32 2.73 -8.55 -3.37
CA VAL B 32 1.71 -7.55 -3.76
C VAL B 32 1.86 -6.25 -3.00
N VAL B 33 2.88 -6.15 -2.15
CA VAL B 33 3.12 -4.92 -1.37
C VAL B 33 4.49 -4.30 -1.67
N GLU B 34 4.56 -2.99 -1.43
CA GLU B 34 5.80 -2.23 -1.49
C GLU B 34 6.34 -2.06 -0.08
N PRO B 35 7.49 -2.66 0.22
CA PRO B 35 8.02 -2.48 1.58
C PRO B 35 8.45 -1.04 1.82
N ASN B 36 7.96 -0.41 2.87
N ASN B 36 7.90 -0.44 2.86
CA ASN B 36 8.50 0.89 3.27
CA ASN B 36 8.33 0.89 3.32
C ASN B 36 9.75 0.61 4.07
C ASN B 36 9.62 0.69 4.15
N ILE B 37 9.65 -0.40 4.92
CA ILE B 37 10.76 -0.75 5.81
C ILE B 37 10.98 -2.24 5.65
N LEU B 38 12.25 -2.65 5.55
CA LEU B 38 12.59 -4.07 5.59
C LEU B 38 13.30 -4.35 6.91
N PHE B 39 12.86 -5.39 7.63
CA PHE B 39 13.61 -5.81 8.82
C PHE B 39 14.39 -7.04 8.42
N ILE B 40 15.70 -6.97 8.60
CA ILE B 40 16.60 -8.06 8.21
C ILE B 40 17.41 -8.47 9.44
N GLY B 41 17.64 -9.78 9.60
CA GLY B 41 18.43 -10.24 10.71
C GLY B 41 18.23 -11.71 10.98
N ASP B 42 18.45 -12.08 12.25
CA ASP B 42 18.42 -13.48 12.68
C ASP B 42 17.05 -13.86 13.25
N SER B 43 17.01 -14.81 14.18
N SER B 43 17.04 -14.81 14.20
CA SER B 43 15.73 -15.28 14.70
CA SER B 43 15.78 -15.30 14.78
C SER B 43 14.96 -14.21 15.45
C SER B 43 14.98 -14.20 15.42
N ILE B 44 15.64 -13.27 16.09
CA ILE B 44 14.90 -12.19 16.77
C ILE B 44 14.10 -11.39 15.76
N VAL B 45 14.65 -11.21 14.55
CA VAL B 45 13.84 -10.59 13.49
C VAL B 45 12.79 -11.57 12.94
N GLU B 46 13.19 -12.80 12.61
CA GLU B 46 12.21 -13.73 12.01
C GLU B 46 10.95 -13.83 12.86
N TYR B 47 11.13 -13.87 14.18
CA TYR B 47 9.99 -14.16 15.08
C TYR B 47 9.36 -12.88 15.61
N TYR B 48 9.82 -11.73 15.11
CA TYR B 48 9.29 -10.42 15.56
C TYR B 48 7.84 -10.23 15.11
N PRO B 49 6.91 -10.00 16.05
CA PRO B 49 5.53 -9.73 15.63
C PRO B 49 5.34 -8.28 15.20
N LEU B 50 5.87 -8.00 14.03
CA LEU B 50 5.92 -6.63 13.51
C LEU B 50 4.53 -6.02 13.35
N GLN B 51 3.62 -6.75 12.71
CA GLN B 51 2.28 -6.19 12.43
C GLN B 51 1.57 -5.83 13.74
N GLU B 52 1.58 -6.76 14.68
CA GLU B 52 0.81 -6.55 15.90
C GLU B 52 1.43 -5.60 16.90
N LEU B 53 2.70 -5.25 16.72
CA LEU B 53 3.33 -4.28 17.63
C LEU B 53 3.53 -2.89 17.01
N PHE B 54 3.74 -2.85 15.69
CA PHE B 54 3.90 -1.55 15.00
C PHE B 54 2.66 -1.13 14.23
N GLY B 55 1.76 -2.06 13.97
CA GLY B 55 0.59 -1.71 13.14
C GLY B 55 0.93 -1.73 11.67
N THR B 56 -0.02 -1.30 10.86
CA THR B 56 0.15 -1.42 9.42
C THR B 56 0.12 -0.10 8.66
N SER B 57 0.18 1.04 9.35
N SER B 57 0.21 1.04 9.35
CA SER B 57 0.29 2.31 8.62
CA SER B 57 0.30 2.34 8.64
C SER B 57 1.51 2.29 7.69
C SER B 57 1.57 2.50 7.80
N LYS B 58 2.63 1.84 8.23
CA LYS B 58 3.83 1.56 7.40
C LYS B 58 3.83 0.09 7.05
N THR B 59 4.20 -0.24 5.82
CA THR B 59 4.28 -1.64 5.44
C THR B 59 5.71 -2.10 5.77
N ILE B 60 5.81 -2.86 6.85
CA ILE B 60 7.06 -3.35 7.36
C ILE B 60 7.15 -4.83 7.01
N VAL B 61 8.19 -5.19 6.23
CA VAL B 61 8.28 -6.57 5.70
C VAL B 61 9.40 -7.32 6.40
N ASN B 62 9.11 -8.57 6.74
CA ASN B 62 10.06 -9.39 7.47
C ASN B 62 10.94 -10.17 6.56
N ARG B 63 12.25 -9.92 6.66
CA ARG B 63 13.26 -10.74 5.95
C ARG B 63 14.32 -11.31 6.93
N GLY B 64 13.87 -11.76 8.11
CA GLY B 64 14.73 -12.38 9.08
C GLY B 64 14.85 -13.89 8.88
N ILE B 65 15.96 -14.47 9.33
CA ILE B 65 16.14 -15.93 9.22
C ILE B 65 16.80 -16.47 10.47
N ARG B 66 16.15 -17.46 11.09
CA ARG B 66 16.70 -18.04 12.30
C ARG B 66 18.15 -18.52 12.12
N GLY B 67 18.97 -18.32 13.16
CA GLY B 67 20.35 -18.77 13.14
C GLY B 67 21.28 -17.96 12.25
N TYR B 68 20.81 -16.81 11.73
CA TYR B 68 21.62 -16.14 10.74
C TYR B 68 22.85 -15.49 11.37
N GLN B 69 23.87 -15.36 10.54
CA GLN B 69 25.13 -14.70 10.90
C GLN B 69 25.46 -13.71 9.76
N THR B 70 26.35 -12.75 10.06
CA THR B 70 26.68 -11.72 9.08
C THR B 70 27.18 -12.31 7.75
N GLY B 71 27.97 -13.40 7.80
CA GLY B 71 28.47 -14.02 6.56
C GLY B 71 27.39 -14.60 5.66
N LEU B 72 26.45 -15.31 6.30
CA LEU B 72 25.31 -15.87 5.59
C LEU B 72 24.46 -14.77 4.96
N LEU B 73 24.25 -13.67 5.68
CA LEU B 73 23.44 -12.59 5.15
C LEU B 73 24.14 -11.96 3.94
N LEU B 74 25.44 -11.70 4.06
CA LEU B 74 26.18 -11.12 2.94
C LEU B 74 26.08 -12.02 1.69
N GLU B 75 26.32 -13.31 1.89
CA GLU B 75 26.37 -14.24 0.75
C GLU B 75 25.01 -14.33 0.07
N ASN B 76 23.95 -14.09 0.83
CA ASN B 76 22.58 -14.25 0.31
C ASN B 76 21.77 -12.95 0.34
N LEU B 77 22.47 -11.82 0.26
CA LEU B 77 21.85 -10.53 0.44
C LEU B 77 20.69 -10.31 -0.55
N ASP B 78 20.80 -10.88 -1.76
CA ASP B 78 19.73 -10.74 -2.75
C ASP B 78 18.37 -11.26 -2.28
N ALA B 79 18.37 -12.24 -1.37
CA ALA B 79 17.10 -12.77 -0.88
C ALA B 79 16.38 -11.80 0.07
N HIS B 80 17.08 -10.79 0.59
CA HIS B 80 16.53 -9.99 1.68
C HIS B 80 16.09 -8.60 1.26
N LEU B 81 16.28 -8.25 -0.02
CA LEU B 81 15.99 -6.89 -0.49
C LEU B 81 15.07 -6.89 -1.68
N TYR B 82 14.00 -6.11 -1.62
CA TYR B 82 13.17 -5.85 -2.79
C TYR B 82 12.41 -4.57 -2.52
N GLY B 83 11.73 -4.05 -3.54
CA GLY B 83 10.89 -2.86 -3.38
C GLY B 83 11.44 -1.70 -4.18
N GLY B 84 10.54 -0.83 -4.62
CA GLY B 84 10.93 0.33 -5.39
C GLY B 84 11.17 1.59 -4.60
N ALA B 85 10.83 1.58 -3.31
CA ALA B 85 11.02 2.77 -2.48
C ALA B 85 11.20 2.37 -1.04
N VAL B 86 12.33 1.73 -0.76
CA VAL B 86 12.60 1.28 0.60
C VAL B 86 13.18 2.45 1.36
N ASP B 87 12.44 2.95 2.34
CA ASP B 87 12.93 4.07 3.12
C ASP B 87 14.02 3.65 4.06
N LYS B 88 13.81 2.53 4.77
CA LYS B 88 14.72 2.10 5.82
C LYS B 88 14.87 0.62 5.82
N ILE B 89 16.10 0.19 6.09
CA ILE B 89 16.38 -1.21 6.45
C ILE B 89 16.79 -1.24 7.93
N PHE B 90 16.04 -1.97 8.76
CA PHE B 90 16.46 -2.25 10.13
C PHE B 90 17.24 -3.53 10.17
N LEU B 91 18.47 -3.47 10.66
CA LEU B 91 19.33 -4.64 10.65
C LEU B 91 19.71 -5.05 12.06
N LEU B 92 19.33 -6.28 12.46
CA LEU B 92 19.70 -6.80 13.78
C LEU B 92 20.35 -8.14 13.59
N ILE B 93 21.67 -8.20 13.76
CA ILE B 93 22.41 -9.42 13.50
C ILE B 93 23.75 -9.33 14.22
N GLY B 94 24.28 -10.49 14.59
CA GLY B 94 25.62 -10.59 15.16
C GLY B 94 25.64 -11.47 16.38
N THR B 95 24.50 -11.66 17.06
CA THR B 95 24.54 -12.50 18.25
C THR B 95 24.94 -13.96 17.95
N ASN B 96 24.64 -14.41 16.72
CA ASN B 96 25.05 -15.79 16.35
C ASN B 96 26.49 -15.82 15.87
N ASP B 97 26.99 -14.70 15.39
CA ASP B 97 28.44 -14.60 15.10
C ASP B 97 29.20 -14.76 16.43
N ILE B 98 28.76 -14.05 17.46
CA ILE B 98 29.35 -14.21 18.79
C ILE B 98 29.21 -15.64 19.29
N GLY B 99 27.99 -16.17 19.24
CA GLY B 99 27.73 -17.54 19.69
C GLY B 99 28.56 -18.61 19.00
N LYS B 100 28.97 -18.34 17.76
CA LYS B 100 29.80 -19.29 16.99
C LYS B 100 31.30 -18.91 16.97
N ASP B 101 31.66 -17.91 17.78
CA ASP B 101 33.07 -17.48 17.89
C ASP B 101 33.66 -17.00 16.56
N VAL B 102 32.81 -16.35 15.74
CA VAL B 102 33.30 -15.70 14.52
C VAL B 102 34.14 -14.49 14.95
N PRO B 103 35.35 -14.32 14.37
CA PRO B 103 36.18 -13.19 14.80
C PRO B 103 35.48 -11.86 14.50
N VAL B 104 35.47 -10.96 15.48
CA VAL B 104 34.82 -9.65 15.29
C VAL B 104 35.23 -8.94 14.00
N ASN B 105 36.51 -8.95 13.62
CA ASN B 105 36.90 -8.27 12.39
C ASN B 105 36.24 -8.86 11.15
N GLU B 106 35.98 -10.16 11.18
CA GLU B 106 35.31 -10.83 10.06
C GLU B 106 33.86 -10.36 10.00
N ALA B 107 33.20 -10.35 11.16
CA ALA B 107 31.82 -9.90 11.19
C ALA B 107 31.70 -8.43 10.76
N LEU B 108 32.61 -7.56 11.22
CA LEU B 108 32.57 -6.15 10.83
C LEU B 108 32.88 -5.93 9.35
N ASN B 109 33.80 -6.70 8.79
CA ASN B 109 34.03 -6.65 7.33
C ASN B 109 32.80 -7.12 6.57
N ASN B 110 32.09 -8.12 7.10
CA ASN B 110 30.87 -8.57 6.44
C ASN B 110 29.83 -7.47 6.46
N LEU B 111 29.71 -6.81 7.61
CA LEU B 111 28.74 -5.74 7.73
C LEU B 111 29.08 -4.55 6.83
N GLU B 112 30.36 -4.19 6.80
CA GLU B 112 30.76 -3.09 5.92
C GLU B 112 30.43 -3.42 4.47
N ALA B 113 30.65 -4.67 4.06
CA ALA B 113 30.35 -5.05 2.68
C ALA B 113 28.83 -4.95 2.43
N ILE B 114 28.02 -5.35 3.41
CA ILE B 114 26.55 -5.21 3.29
C ILE B 114 26.17 -3.75 3.11
N ILE B 115 26.75 -2.88 3.96
CA ILE B 115 26.44 -1.48 3.90
C ILE B 115 26.81 -0.89 2.55
N GLN B 116 27.98 -1.24 2.02
CA GLN B 116 28.47 -0.70 0.76
C GLN B 116 27.60 -1.21 -0.38
N SER B 117 27.16 -2.47 -0.29
CA SER B 117 26.26 -3.01 -1.31
C SER B 117 24.94 -2.23 -1.37
N VAL B 118 24.32 -2.04 -0.21
CA VAL B 118 23.08 -1.28 -0.14
C VAL B 118 23.30 0.17 -0.56
N ALA B 119 24.44 0.77 -0.23
CA ALA B 119 24.71 2.15 -0.61
C ALA B 119 24.71 2.31 -2.14
N ARG B 120 25.18 1.26 -2.83
CA ARG B 120 25.25 1.29 -4.28
C ARG B 120 23.87 1.01 -4.90
N ASP B 121 23.20 -0.03 -4.42
CA ASP B 121 21.98 -0.51 -5.06
C ASP B 121 20.70 0.14 -4.56
N TYR B 122 20.73 0.63 -3.31
CA TYR B 122 19.61 1.36 -2.70
C TYR B 122 20.14 2.67 -2.14
N PRO B 123 20.61 3.57 -3.04
CA PRO B 123 21.40 4.69 -2.60
C PRO B 123 20.72 5.70 -1.64
N LEU B 124 19.39 5.78 -1.65
CA LEU B 124 18.67 6.75 -0.83
C LEU B 124 18.06 6.10 0.41
N THR B 125 18.26 4.77 0.53
CA THR B 125 17.72 4.03 1.67
C THR B 125 18.65 4.22 2.88
N GLU B 126 18.03 4.36 4.05
CA GLU B 126 18.76 4.46 5.33
C GLU B 126 18.90 3.07 5.93
N ILE B 127 20.07 2.75 6.50
CA ILE B 127 20.20 1.54 7.29
C ILE B 127 20.20 1.93 8.75
N LYS B 128 19.36 1.26 9.54
CA LYS B 128 19.34 1.45 10.97
C LYS B 128 19.98 0.19 11.56
N LEU B 129 21.23 0.33 12.02
CA LEU B 129 22.03 -0.79 12.48
C LEU B 129 21.82 -0.90 13.99
N LEU B 130 21.05 -1.91 14.42
CA LEU B 130 20.75 -2.03 15.86
C LEU B 130 21.92 -2.54 16.64
N SER B 131 22.01 -2.10 17.90
CA SER B 131 22.89 -2.76 18.82
C SER B 131 22.45 -4.23 18.95
N ILE B 132 23.41 -5.16 19.00
CA ILE B 132 23.07 -6.54 19.39
C ILE B 132 22.44 -6.50 20.78
N LEU B 133 21.39 -7.28 21.01
CA LEU B 133 20.66 -7.21 22.25
C LEU B 133 21.41 -7.91 23.40
N PRO B 134 21.11 -7.52 24.65
CA PRO B 134 21.72 -8.20 25.79
C PRO B 134 21.22 -9.63 25.92
N VAL B 135 22.00 -10.46 26.61
CA VAL B 135 21.54 -11.78 26.99
C VAL B 135 21.37 -11.83 28.50
N ASN B 136 20.77 -12.91 28.99
CA ASN B 136 20.76 -13.11 30.43
C ASN B 136 21.74 -14.25 30.79
N GLU B 137 22.78 -13.89 31.55
CA GLU B 137 23.91 -14.79 31.82
C GLU B 137 23.65 -15.77 32.98
N ARG B 138 22.45 -15.79 33.55
CA ARG B 138 22.15 -16.73 34.64
C ARG B 138 22.24 -18.18 34.14
N GLU B 139 22.64 -19.08 35.03
CA GLU B 139 22.90 -20.47 34.67
C GLU B 139 21.70 -21.14 34.02
N GLU B 140 20.50 -20.78 34.47
CA GLU B 140 19.27 -21.38 33.93
C GLU B 140 19.09 -21.17 32.42
N TYR B 141 19.75 -20.15 31.86
CA TYR B 141 19.60 -19.82 30.44
C TYR B 141 20.78 -20.25 29.57
N GLN B 142 21.73 -21.00 30.15
CA GLN B 142 22.99 -21.34 29.45
C GLN B 142 22.79 -22.11 28.14
N GLN B 143 21.73 -22.91 28.03
CA GLN B 143 21.51 -23.70 26.80
C GLN B 143 21.28 -22.85 25.54
N ALA B 144 20.61 -21.71 25.70
CA ALA B 144 20.42 -20.76 24.61
C ALA B 144 21.58 -19.79 24.51
N VAL B 145 22.05 -19.34 25.67
CA VAL B 145 22.99 -18.20 25.68
C VAL B 145 24.40 -18.66 25.30
N TYR B 146 24.78 -19.83 25.83
CA TYR B 146 26.05 -20.45 25.50
C TYR B 146 27.18 -19.45 25.77
N ILE B 147 28.10 -19.26 24.82
CA ILE B 147 29.29 -18.45 25.10
C ILE B 147 29.08 -16.95 25.01
N ARG B 148 27.87 -16.51 24.66
CA ARG B 148 27.59 -15.08 24.60
C ARG B 148 27.70 -14.49 25.99
N SER B 149 28.23 -13.27 26.03
CA SER B 149 28.27 -12.52 27.28
C SER B 149 27.93 -11.08 26.99
N ASN B 150 27.38 -10.38 27.97
CA ASN B 150 27.09 -8.96 27.76
C ASN B 150 28.36 -8.11 27.56
N GLU B 151 29.48 -8.51 28.15
CA GLU B 151 30.73 -7.79 27.91
C GLU B 151 31.12 -7.92 26.44
N LYS B 152 31.07 -9.12 25.88
CA LYS B 152 31.37 -9.30 24.46
C LYS B 152 30.42 -8.47 23.59
N ILE B 153 29.13 -8.60 23.90
CA ILE B 153 28.10 -7.92 23.11
C ILE B 153 28.34 -6.40 23.10
N GLN B 154 28.61 -5.81 24.26
CA GLN B 154 28.87 -4.37 24.31
C GLN B 154 30.11 -3.95 23.52
N ASN B 155 31.12 -4.81 23.53
CA ASN B 155 32.32 -4.54 22.73
C ASN B 155 31.96 -4.58 21.25
N TRP B 156 31.13 -5.55 20.82
CA TRP B 156 30.76 -5.60 19.40
C TRP B 156 29.91 -4.38 19.08
N ASN B 157 29.05 -3.99 20.01
CA ASN B 157 28.21 -2.82 19.76
C ASN B 157 29.04 -1.54 19.59
N GLN B 158 30.14 -1.41 20.35
CA GLN B 158 31.04 -0.29 20.11
C GLN B 158 31.59 -0.27 18.68
N ALA B 159 31.93 -1.46 18.18
CA ALA B 159 32.42 -1.60 16.83
C ALA B 159 31.33 -1.28 15.79
N TYR B 160 30.11 -1.75 16.04
CA TYR B 160 28.98 -1.39 15.20
C TYR B 160 28.79 0.14 15.18
N GLN B 161 28.86 0.76 16.35
CA GLN B 161 28.69 2.20 16.41
C GLN B 161 29.75 2.93 15.56
N GLU B 162 30.99 2.45 15.66
CA GLU B 162 32.09 3.07 14.93
C GLU B 162 31.88 2.90 13.43
N LEU B 163 31.47 1.71 13.00
CA LEU B 163 31.18 1.48 11.59
C LEU B 163 30.07 2.42 11.06
N ALA B 164 28.98 2.51 11.82
CA ALA B 164 27.87 3.39 11.44
C ALA B 164 28.39 4.84 11.26
N SER B 165 29.33 5.24 12.09
CA SER B 165 29.83 6.63 12.05
C SER B 165 30.56 6.93 10.75
N ALA B 166 31.02 5.89 10.07
CA ALA B 166 31.77 6.08 8.80
C ALA B 166 30.89 6.24 7.55
N TYR B 167 29.59 5.97 7.69
CA TYR B 167 28.68 5.88 6.53
C TYR B 167 27.48 6.78 6.68
N GLN B 169 24.59 6.91 5.24
CA GLN B 169 23.25 6.33 5.22
C GLN B 169 22.97 5.44 6.42
N VAL B 170 23.96 5.25 7.31
CA VAL B 170 23.83 4.28 8.43
C VAL B 170 23.75 4.99 9.78
N GLU B 171 22.73 4.61 10.56
CA GLU B 171 22.55 5.16 11.91
C GLU B 171 22.61 3.98 12.86
N PHE B 172 23.50 4.05 13.86
CA PHE B 172 23.50 3.05 14.91
C PHE B 172 22.34 3.32 15.86
N VAL B 173 21.61 2.26 16.22
CA VAL B 173 20.41 2.40 17.06
C VAL B 173 20.68 1.71 18.39
N PRO B 174 20.93 2.50 19.44
CA PRO B 174 21.28 1.88 20.71
C PRO B 174 20.06 1.41 21.47
N VAL B 175 19.79 0.12 21.44
CA VAL B 175 18.64 -0.44 22.16
C VAL B 175 19.00 -1.37 23.32
N PHE B 176 20.29 -1.71 23.43
CA PHE B 176 20.77 -2.63 24.47
C PHE B 176 20.26 -2.23 25.86
N ASP B 177 20.43 -0.97 26.21
CA ASP B 177 20.15 -0.50 27.55
C ASP B 177 18.65 -0.48 27.92
N CYS B 178 17.81 -0.42 26.90
N CYS B 178 17.76 -0.41 26.94
CA CYS B 178 16.35 -0.46 27.06
CA CYS B 178 16.32 -0.43 27.26
C CYS B 178 15.87 -1.80 27.61
C CYS B 178 15.80 -1.84 27.51
N LEU B 179 16.69 -2.82 27.40
CA LEU B 179 16.29 -4.22 27.64
C LEU B 179 16.92 -4.88 28.87
N THR B 180 17.77 -4.14 29.61
CA THR B 180 18.48 -4.69 30.75
C THR B 180 17.83 -4.39 32.12
N ASP B 181 18.08 -5.29 33.07
CA ASP B 181 17.70 -5.09 34.48
C ASP B 181 18.84 -4.38 35.20
N GLN B 182 18.70 -4.20 36.50
CA GLN B 182 19.70 -3.42 37.23
C GLN B 182 21.05 -4.11 37.29
N ALA B 183 21.06 -5.40 37.05
CA ALA B 183 22.29 -6.18 37.00
C ALA B 183 22.93 -6.22 35.59
N GLY B 184 22.35 -5.47 34.65
CA GLY B 184 22.87 -5.41 33.28
C GLY B 184 22.54 -6.63 32.41
N GLN B 185 21.57 -7.44 32.85
CA GLN B 185 21.16 -8.65 32.10
C GLN B 185 19.88 -8.38 31.33
N LEU B 186 19.70 -9.03 30.19
CA LEU B 186 18.35 -9.03 29.57
C LEU B 186 17.30 -9.36 30.63
N LYS B 187 16.32 -8.49 30.83
CA LYS B 187 15.34 -8.76 31.93
C LYS B 187 14.73 -10.16 31.79
N LYS B 188 14.57 -10.86 32.90
CA LYS B 188 13.94 -12.17 32.86
C LYS B 188 12.56 -12.11 32.19
N GLU B 189 11.77 -11.08 32.48
CA GLU B 189 10.44 -10.94 31.86
C GLU B 189 10.47 -10.60 30.37
N TYR B 190 11.64 -10.19 29.90
CA TYR B 190 11.79 -9.81 28.50
C TYR B 190 12.30 -10.99 27.65
N THR B 191 12.57 -12.13 28.29
CA THR B 191 13.18 -13.25 27.54
C THR B 191 12.42 -14.56 27.71
N THR B 192 12.47 -15.42 26.70
CA THR B 192 11.94 -16.77 26.85
C THR B 192 13.03 -17.74 27.30
N ASP B 193 14.23 -17.59 26.76
CA ASP B 193 15.28 -18.58 27.00
C ASP B 193 16.63 -17.96 27.33
N GLY B 194 16.65 -16.64 27.57
CA GLY B 194 17.87 -15.92 27.91
C GLY B 194 18.48 -15.18 26.73
N LEU B 195 18.01 -15.51 25.54
CA LEU B 195 18.50 -14.95 24.26
C LEU B 195 17.34 -14.36 23.45
N HIS B 196 16.29 -15.15 23.24
CA HIS B 196 15.14 -14.71 22.47
C HIS B 196 14.19 -13.89 23.33
N LEU B 197 13.39 -13.05 22.68
CA LEU B 197 12.52 -12.13 23.44
C LEU B 197 11.12 -12.70 23.66
N SER B 198 10.58 -12.43 24.85
CA SER B 198 9.16 -12.60 25.14
C SER B 198 8.39 -11.47 24.47
N ILE B 199 7.06 -11.52 24.53
CA ILE B 199 6.28 -10.42 23.98
C ILE B 199 6.59 -9.12 24.71
N ALA B 200 6.76 -9.18 26.04
CA ALA B 200 7.14 -7.96 26.79
C ALA B 200 8.47 -7.42 26.28
N GLY B 201 9.42 -8.32 26.00
CA GLY B 201 10.72 -7.88 25.42
C GLY B 201 10.52 -7.19 24.07
N TYR B 202 9.71 -7.81 23.21
CA TYR B 202 9.42 -7.20 21.91
C TYR B 202 8.66 -5.87 22.04
N GLN B 203 7.82 -5.73 23.06
CA GLN B 203 7.15 -4.44 23.30
C GLN B 203 8.18 -3.37 23.69
N ALA B 204 9.11 -3.74 24.56
CA ALA B 204 10.15 -2.77 24.96
C ALA B 204 11.02 -2.37 23.77
N LEU B 205 11.44 -3.37 22.98
CA LEU B 205 12.25 -3.10 21.79
C LEU B 205 11.46 -2.20 20.84
N SER B 206 10.17 -2.53 20.60
CA SER B 206 9.34 -1.74 19.67
C SER B 206 9.22 -0.29 20.11
N LYS B 207 9.04 -0.10 21.43
CA LYS B 207 8.94 1.26 21.94
C LYS B 207 10.23 2.03 21.66
N SER B 208 11.37 1.37 21.80
N SER B 208 11.37 1.40 21.83
CA SER B 208 12.66 2.01 21.57
CA SER B 208 12.63 2.10 21.55
C SER B 208 12.96 2.31 20.11
C SER B 208 12.75 2.45 20.08
N LEU B 209 12.36 1.52 19.22
CA LEU B 209 12.55 1.69 17.77
C LEU B 209 11.60 2.69 17.13
N LYS B 210 10.46 2.97 17.78
CA LYS B 210 9.37 3.73 17.14
C LYS B 210 9.88 5.01 16.49
N ASP B 211 10.68 5.79 17.22
CA ASP B 211 11.10 7.08 16.64
C ASP B 211 12.03 6.93 15.45
N TYR B 212 12.76 5.82 15.39
CA TYR B 212 13.68 5.58 14.29
C TYR B 212 12.96 5.19 12.99
N LEU B 213 11.66 4.91 13.06
CA LEU B 213 10.84 4.57 11.86
C LEU B 213 10.59 5.72 10.89
N TYR B 214 10.81 6.95 11.35
CA TYR B 214 10.55 8.14 10.54
C TYR B 214 11.87 8.79 10.14
N ALA C 3 13.26 -44.30 19.35
CA ALA C 3 12.22 -44.29 20.40
C ALA C 3 12.53 -43.24 21.48
N ALA C 5 14.94 -40.87 20.88
CA ALA C 5 15.04 -39.69 20.02
C ALA C 5 13.70 -39.31 19.37
N VAL C 6 12.85 -40.31 19.10
CA VAL C 6 11.52 -40.02 18.56
C VAL C 6 10.66 -39.32 19.61
N GLN C 7 10.76 -39.79 20.85
CA GLN C 7 10.12 -39.10 21.96
C GLN C 7 10.67 -37.67 22.14
N LEU C 8 11.98 -37.49 21.96
CA LEU C 8 12.58 -36.15 22.08
C LEU C 8 12.08 -35.19 20.99
N LEU C 9 11.94 -35.69 19.77
CA LEU C 9 11.31 -34.92 18.68
C LEU C 9 9.86 -34.54 18.95
N GLU C 10 9.09 -35.46 19.50
CA GLU C 10 7.72 -35.16 19.94
C GLU C 10 7.76 -34.07 21.01
N ASN C 11 8.69 -34.21 21.95
CA ASN C 11 8.85 -33.22 23.01
C ASN C 11 9.25 -31.86 22.49
N TRP C 12 10.14 -31.84 21.49
CA TRP C 12 10.58 -30.61 20.82
C TRP C 12 9.35 -29.87 20.30
N LEU C 13 8.55 -30.57 19.50
CA LEU C 13 7.37 -29.96 18.88
C LEU C 13 6.40 -29.45 19.94
N LEU C 14 6.17 -30.25 20.97
N LEU C 14 6.14 -30.23 20.98
CA LEU C 14 5.26 -29.88 22.06
CA LEU C 14 5.20 -29.78 22.00
C LEU C 14 5.71 -28.57 22.72
C LEU C 14 5.72 -28.50 22.67
N LYS C 15 7.03 -28.47 22.96
CA LYS C 15 7.61 -27.31 23.61
C LYS C 15 7.40 -26.06 22.75
N GLU C 16 7.64 -26.20 21.43
CA GLU C 16 7.52 -25.05 20.54
C GLU C 16 6.07 -24.62 20.45
N GLN C 17 5.14 -25.59 20.43
CA GLN C 17 3.74 -25.25 20.35
C GLN C 17 3.32 -24.49 21.58
N GLU C 18 3.74 -24.96 22.75
CA GLU C 18 3.42 -24.26 23.98
C GLU C 18 3.98 -22.85 23.98
N LYS C 19 5.22 -22.68 23.47
CA LYS C 19 5.83 -21.34 23.42
C LYS C 19 4.98 -20.41 22.54
N ILE C 20 4.47 -20.92 21.43
CA ILE C 20 3.70 -20.10 20.48
C ILE C 20 2.34 -19.77 21.10
N GLN C 21 1.76 -20.74 21.80
CA GLN C 21 0.51 -20.45 22.52
C GLN C 21 0.68 -19.30 23.52
N THR C 22 1.77 -19.30 24.26
CA THR C 22 2.05 -18.25 25.21
C THR C 22 2.24 -16.90 24.47
N LYS C 23 3.01 -16.93 23.40
CA LYS C 23 3.20 -15.75 22.56
C LYS C 23 1.85 -15.15 22.13
N TYR C 24 0.98 -16.03 21.62
CA TYR C 24 -0.32 -15.56 21.13
C TYR C 24 -1.21 -15.06 22.26
N ARG C 25 -1.23 -15.74 23.39
CA ARG C 25 -2.04 -15.22 24.52
C ARG C 25 -1.57 -13.81 24.89
N HIS C 26 -0.25 -13.62 24.92
CA HIS C 26 0.25 -12.30 25.29
C HIS C 26 -0.05 -11.26 24.20
N LEU C 27 0.20 -11.63 22.94
CA LEU C 27 -0.10 -10.72 21.82
C LEU C 27 -1.57 -10.32 21.74
N ASN C 28 -2.46 -11.28 22.00
CA ASN C 28 -3.92 -11.01 21.98
C ASN C 28 -4.25 -9.87 22.93
N HIS C 29 -3.50 -9.80 24.02
CA HIS C 29 -3.78 -8.83 25.08
C HIS C 29 -3.38 -7.39 24.73
N ILE C 30 -2.27 -7.26 23.98
CA ILE C 30 -1.61 -5.94 23.80
C ILE C 30 -1.41 -5.55 22.33
N SER C 31 -1.92 -6.37 21.41
CA SER C 31 -1.81 -6.04 19.98
C SER C 31 -2.36 -4.63 19.71
N VAL C 32 -1.70 -3.94 18.79
CA VAL C 32 -2.11 -2.58 18.43
C VAL C 32 -3.07 -2.55 17.24
N VAL C 33 -3.41 -3.73 16.70
CA VAL C 33 -4.32 -3.82 15.54
C VAL C 33 -5.62 -4.52 15.93
N GLU C 34 -6.68 -4.15 15.22
CA GLU C 34 -7.94 -4.83 15.31
C GLU C 34 -8.06 -5.81 14.14
N PRO C 35 -8.05 -7.13 14.41
CA PRO C 35 -8.11 -8.05 13.26
C PRO C 35 -9.44 -7.98 12.57
N ASN C 36 -9.40 -7.87 11.25
N ASN C 36 -9.41 -7.83 11.24
CA ASN C 36 -10.61 -8.02 10.48
CA ASN C 36 -10.62 -8.03 10.42
C ASN C 36 -10.83 -9.48 10.09
C ASN C 36 -10.82 -9.51 10.14
N ILE C 37 -9.70 -10.19 9.88
CA ILE C 37 -9.73 -11.59 9.51
C ILE C 37 -8.67 -12.30 10.35
N LEU C 38 -9.03 -13.43 10.93
CA LEU C 38 -8.05 -14.29 11.64
C LEU C 38 -7.82 -15.54 10.80
N PHE C 39 -6.57 -15.93 10.59
CA PHE C 39 -6.25 -17.21 9.99
C PHE C 39 -5.77 -18.14 11.10
N ILE C 40 -6.42 -19.28 11.25
CA ILE C 40 -6.13 -20.22 12.34
C ILE C 40 -5.88 -21.58 11.73
N GLY C 41 -4.90 -22.30 12.26
CA GLY C 41 -4.67 -23.66 11.71
C GLY C 41 -3.26 -24.14 12.02
N ASP C 42 -2.73 -24.98 11.14
CA ASP C 42 -1.50 -25.72 11.39
C ASP C 42 -0.30 -25.03 10.73
N SER C 43 0.74 -25.78 10.36
N SER C 43 0.71 -25.81 10.35
CA SER C 43 1.93 -25.17 9.79
CA SER C 43 1.91 -25.25 9.73
C SER C 43 1.66 -24.46 8.46
C SER C 43 1.58 -24.42 8.52
N ILE C 44 0.68 -24.93 7.68
CA ILE C 44 0.39 -24.23 6.41
C ILE C 44 -0.10 -22.80 6.69
N VAL C 45 -0.82 -22.63 7.79
CA VAL C 45 -1.18 -21.28 8.22
C VAL C 45 -0.01 -20.52 8.86
N GLU C 46 0.71 -21.14 9.80
CA GLU C 46 1.81 -20.42 10.46
C GLU C 46 2.76 -19.83 9.42
N TYR C 47 3.02 -20.58 8.37
CA TYR C 47 4.06 -20.19 7.41
C TYR C 47 3.52 -19.42 6.21
N TYR C 48 2.23 -19.11 6.24
CA TYR C 48 1.55 -18.43 5.13
C TYR C 48 1.99 -17.00 5.06
N PRO C 49 2.55 -16.57 3.91
CA PRO C 49 2.92 -15.16 3.75
C PRO C 49 1.71 -14.26 3.47
N LEU C 50 0.90 -14.06 4.52
CA LEU C 50 -0.37 -13.37 4.37
C LEU C 50 -0.18 -11.94 3.89
N GLN C 51 0.74 -11.19 4.51
CA GLN C 51 0.92 -9.77 4.12
C GLN C 51 1.29 -9.64 2.65
N GLU C 52 2.26 -10.44 2.24
CA GLU C 52 2.83 -10.23 0.92
C GLU C 52 2.02 -10.86 -0.22
N LEU C 53 1.08 -11.75 0.14
CA LEU C 53 0.19 -12.28 -0.91
C LEU C 53 -1.21 -11.65 -0.93
N PHE C 54 -1.73 -11.23 0.23
CA PHE C 54 -3.06 -10.59 0.26
C PHE C 54 -3.00 -9.07 0.42
N GLY C 55 -1.85 -8.53 0.85
CA GLY C 55 -1.78 -7.11 1.13
C GLY C 55 -2.47 -6.74 2.40
N THR C 56 -2.53 -5.43 2.65
CA THR C 56 -2.97 -5.00 3.96
C THR C 56 -4.20 -4.10 3.95
N SER C 57 -4.98 -4.16 2.86
CA SER C 57 -6.23 -3.40 2.81
C SER C 57 -7.17 -3.83 3.94
N LYS C 58 -7.11 -5.12 4.30
CA LYS C 58 -7.79 -5.62 5.51
C LYS C 58 -6.72 -6.14 6.46
N THR C 59 -6.95 -5.96 7.75
CA THR C 59 -6.01 -6.47 8.72
C THR C 59 -6.22 -7.97 8.92
N ILE C 60 -5.28 -8.76 8.44
CA ILE C 60 -5.37 -10.23 8.51
C ILE C 60 -4.30 -10.70 9.49
N VAL C 61 -4.68 -11.42 10.53
CA VAL C 61 -3.76 -11.76 11.60
C VAL C 61 -3.56 -13.29 11.62
N ASN C 62 -2.29 -13.68 11.74
CA ASN C 62 -1.90 -15.09 11.75
C ASN C 62 -1.97 -15.68 13.15
N ARG C 63 -2.76 -16.73 13.32
CA ARG C 63 -2.80 -17.49 14.56
C ARG C 63 -2.65 -18.98 14.23
N GLY C 64 -1.74 -19.30 13.30
CA GLY C 64 -1.42 -20.69 13.02
C GLY C 64 -0.28 -21.22 13.88
N ILE C 65 -0.26 -22.54 14.07
CA ILE C 65 0.85 -23.17 14.81
C ILE C 65 1.30 -24.46 14.15
N ARG C 66 2.61 -24.57 13.95
CA ARG C 66 3.13 -25.78 13.31
C ARG C 66 2.72 -27.07 14.06
N GLY C 67 2.42 -28.11 13.28
CA GLY C 67 2.06 -29.40 13.85
C GLY C 67 0.69 -29.48 14.50
N TYR C 68 -0.14 -28.45 14.33
CA TYR C 68 -1.40 -28.39 15.07
C TYR C 68 -2.38 -29.47 14.59
N GLN C 69 -3.20 -29.90 15.52
CA GLN C 69 -4.28 -30.84 15.27
C GLN C 69 -5.55 -30.24 15.85
N THR C 70 -6.70 -30.77 15.43
CA THR C 70 -7.98 -30.24 15.89
C THR C 70 -8.10 -30.25 17.42
N GLY C 71 -7.63 -31.31 18.06
CA GLY C 71 -7.74 -31.41 19.52
C GLY C 71 -6.93 -30.35 20.24
N LEU C 72 -5.72 -30.11 19.74
CA LEU C 72 -4.84 -29.09 20.37
C LEU C 72 -5.47 -27.70 20.20
N LEU C 73 -6.00 -27.43 19.02
CA LEU C 73 -6.68 -26.16 18.76
C LEU C 73 -7.87 -25.99 19.69
N LEU C 74 -8.68 -27.03 19.85
CA LEU C 74 -9.87 -26.92 20.71
C LEU C 74 -9.44 -26.61 22.16
N GLU C 75 -8.45 -27.36 22.64
CA GLU C 75 -7.96 -27.21 24.02
C GLU C 75 -7.41 -25.81 24.30
N ASN C 76 -6.87 -25.20 23.25
CA ASN C 76 -6.18 -23.90 23.38
C ASN C 76 -6.82 -22.77 22.59
N LEU C 77 -8.13 -22.94 22.33
CA LEU C 77 -8.82 -22.05 21.44
C LEU C 77 -8.69 -20.57 21.87
N ASP C 78 -8.60 -20.31 23.18
CA ASP C 78 -8.46 -18.93 23.66
C ASP C 78 -7.22 -18.20 23.08
N ALA C 79 -6.18 -18.96 22.78
CA ALA C 79 -4.97 -18.37 22.27
C ALA C 79 -5.12 -17.84 20.84
N HIS C 80 -6.17 -18.26 20.14
CA HIS C 80 -6.28 -18.00 18.69
C HIS C 80 -7.29 -16.94 18.29
N LEU C 81 -7.96 -16.34 19.28
CA LEU C 81 -9.10 -15.43 19.04
C LEU C 81 -8.95 -14.15 19.79
N TYR C 82 -9.03 -13.02 19.10
CA TYR C 82 -9.17 -11.71 19.76
C TYR C 82 -9.77 -10.74 18.74
N GLY C 83 -10.25 -9.59 19.21
CA GLY C 83 -10.72 -8.51 18.34
C GLY C 83 -12.17 -8.18 18.66
N GLY C 84 -12.49 -6.90 18.48
CA GLY C 84 -13.83 -6.40 18.79
C GLY C 84 -14.82 -6.47 17.64
N ALA C 85 -14.33 -6.72 16.42
CA ALA C 85 -15.23 -6.80 15.27
C ALA C 85 -14.60 -7.67 14.19
N VAL C 86 -14.33 -8.93 14.54
CA VAL C 86 -13.74 -9.85 13.57
C VAL C 86 -14.80 -10.22 12.53
N ASP C 87 -14.49 -10.00 11.25
CA ASP C 87 -15.46 -10.30 10.18
C ASP C 87 -15.42 -11.78 9.82
N LYS C 88 -14.22 -12.35 9.64
CA LYS C 88 -14.09 -13.75 9.20
C LYS C 88 -12.97 -14.43 9.92
N ILE C 89 -13.15 -15.73 10.14
CA ILE C 89 -12.07 -16.61 10.59
C ILE C 89 -11.89 -17.68 9.51
N PHE C 90 -10.66 -17.84 9.01
CA PHE C 90 -10.30 -18.91 8.05
C PHE C 90 -9.60 -19.99 8.84
N LEU C 91 -10.11 -21.21 8.70
CA LEU C 91 -9.60 -22.33 9.48
C LEU C 91 -9.11 -23.42 8.52
N LEU C 92 -7.81 -23.74 8.63
CA LEU C 92 -7.20 -24.80 7.84
C LEU C 92 -6.51 -25.76 8.80
N ILE C 93 -7.09 -26.93 8.99
CA ILE C 93 -6.54 -27.86 9.95
C ILE C 93 -7.08 -29.26 9.66
N GLY C 94 -6.29 -30.26 10.06
CA GLY C 94 -6.71 -31.64 9.93
C GLY C 94 -5.69 -32.53 9.26
N THR C 95 -4.79 -31.96 8.47
CA THR C 95 -3.79 -32.81 7.84
C THR C 95 -2.92 -33.54 8.90
N ASN C 96 -2.68 -32.92 10.05
CA ASN C 96 -1.87 -33.60 11.10
C ASN C 96 -2.70 -34.56 11.94
N ASP C 97 -4.00 -34.35 11.96
CA ASP C 97 -4.92 -35.40 12.49
C ASP C 97 -4.80 -36.67 11.64
N ILE C 98 -4.86 -36.50 10.33
CA ILE C 98 -4.70 -37.66 9.44
C ILE C 98 -3.31 -38.26 9.64
N GLY C 99 -2.29 -37.39 9.69
CA GLY C 99 -0.91 -37.87 9.83
C GLY C 99 -0.63 -38.67 11.10
N LYS C 100 -1.38 -38.36 12.16
CA LYS C 100 -1.23 -39.05 13.44
C LYS C 100 -2.30 -40.12 13.64
N ASP C 101 -3.09 -40.38 12.61
CA ASP C 101 -4.11 -41.44 12.65
C ASP C 101 -5.16 -41.18 13.74
N VAL C 102 -5.48 -39.89 13.92
CA VAL C 102 -6.60 -39.55 14.80
C VAL C 102 -7.92 -40.05 14.16
N PRO C 103 -8.78 -40.70 14.94
CA PRO C 103 -10.02 -41.17 14.32
C PRO C 103 -10.84 -40.02 13.77
N VAL C 104 -11.38 -40.19 12.57
CA VAL C 104 -12.11 -39.11 11.91
C VAL C 104 -13.29 -38.59 12.76
N ASN C 105 -14.02 -39.47 13.44
CA ASN C 105 -15.12 -38.99 14.25
C ASN C 105 -14.67 -38.08 15.38
N GLU C 106 -13.47 -38.35 15.91
CA GLU C 106 -12.89 -37.53 16.97
C GLU C 106 -12.53 -36.15 16.44
N ALA C 107 -11.85 -36.12 15.30
CA ALA C 107 -11.49 -34.83 14.69
C ALA C 107 -12.73 -34.02 14.35
N LEU C 108 -13.76 -34.66 13.77
CA LEU C 108 -15.01 -33.94 13.45
C LEU C 108 -15.75 -33.43 14.71
N ASN C 109 -15.74 -34.24 15.79
CA ASN C 109 -16.32 -33.76 17.04
C ASN C 109 -15.52 -32.57 17.54
N ASN C 110 -14.20 -32.64 17.42
CA ASN C 110 -13.38 -31.48 17.81
C ASN C 110 -13.76 -30.24 17.01
N LEU C 111 -13.86 -30.39 15.69
CA LEU C 111 -14.20 -29.24 14.85
C LEU C 111 -15.58 -28.67 15.17
N GLU C 112 -16.54 -29.57 15.42
CA GLU C 112 -17.89 -29.10 15.78
C GLU C 112 -17.84 -28.29 17.07
N ALA C 113 -17.05 -28.75 18.04
CA ALA C 113 -16.95 -28.03 19.31
C ALA C 113 -16.32 -26.65 19.08
N ILE C 114 -15.32 -26.56 18.19
CA ILE C 114 -14.68 -25.28 17.91
C ILE C 114 -15.71 -24.35 17.27
N ILE C 115 -16.44 -24.86 16.29
CA ILE C 115 -17.44 -24.05 15.59
C ILE C 115 -18.50 -23.54 16.57
N GLN C 116 -18.95 -24.40 17.49
CA GLN C 116 -20.00 -23.98 18.44
C GLN C 116 -19.45 -22.94 19.41
N SER C 117 -18.19 -23.08 19.77
CA SER C 117 -17.55 -22.12 20.68
C SER C 117 -17.48 -20.73 20.02
N VAL C 118 -17.02 -20.71 18.78
CA VAL C 118 -16.87 -19.45 18.06
C VAL C 118 -18.27 -18.87 17.79
N ALA C 119 -19.26 -19.71 17.43
CA ALA C 119 -20.63 -19.21 17.23
C ALA C 119 -21.20 -18.48 18.46
N ARG C 120 -20.83 -18.97 19.63
CA ARG C 120 -21.29 -18.35 20.87
C ARG C 120 -20.56 -17.05 21.15
N ASP C 121 -19.22 -17.11 21.05
CA ASP C 121 -18.39 -15.98 21.55
C ASP C 121 -18.14 -14.92 20.47
N TYR C 122 -18.29 -15.30 19.19
CA TYR C 122 -18.08 -14.38 18.04
C TYR C 122 -19.31 -14.53 17.12
N PRO C 123 -20.52 -14.15 17.62
CA PRO C 123 -21.76 -14.48 16.91
C PRO C 123 -21.95 -13.81 15.56
N LEU C 124 -21.20 -12.74 15.28
CA LEU C 124 -21.36 -12.06 14.00
C LEU C 124 -20.21 -12.40 13.05
N THR C 125 -19.35 -13.34 13.43
CA THR C 125 -18.17 -13.66 12.65
C THR C 125 -18.43 -14.87 11.77
N GLU C 126 -18.00 -14.79 10.51
CA GLU C 126 -18.18 -15.90 9.59
C GLU C 126 -16.98 -16.82 9.73
N ILE C 127 -17.21 -18.12 9.67
CA ILE C 127 -16.15 -19.08 9.67
C ILE C 127 -16.02 -19.66 8.27
N LYS C 128 -14.80 -19.68 7.75
CA LYS C 128 -14.51 -20.28 6.44
C LYS C 128 -13.67 -21.50 6.72
N LEU C 129 -14.28 -22.67 6.53
CA LEU C 129 -13.63 -23.95 6.86
C LEU C 129 -13.07 -24.52 5.55
N LEU C 130 -11.74 -24.44 5.43
CA LEU C 130 -11.09 -24.89 4.20
C LEU C 130 -11.01 -26.40 4.10
N SER C 131 -11.10 -26.90 2.87
CA SER C 131 -10.76 -28.26 2.62
C SER C 131 -9.30 -28.47 3.03
N ILE C 132 -8.98 -29.60 3.68
CA ILE C 132 -7.60 -30.05 3.81
C ILE C 132 -6.98 -30.13 2.42
N LEU C 133 -5.72 -29.68 2.32
CA LEU C 133 -5.08 -29.58 1.02
C LEU C 133 -4.58 -30.95 0.57
N PRO C 134 -4.40 -31.14 -0.75
CA PRO C 134 -3.83 -32.39 -1.24
C PRO C 134 -2.37 -32.54 -0.84
N VAL C 135 -1.87 -33.78 -0.90
CA VAL C 135 -0.45 -34.06 -0.73
C VAL C 135 0.04 -34.59 -2.07
N ASN C 136 1.36 -34.71 -2.21
CA ASN C 136 1.91 -35.44 -3.34
C ASN C 136 2.42 -36.81 -2.87
N GLU C 137 1.88 -37.86 -3.47
CA GLU C 137 2.10 -39.23 -3.02
C GLU C 137 3.33 -39.91 -3.61
N ARG C 138 4.11 -39.17 -4.41
CA ARG C 138 5.33 -39.75 -5.01
C ARG C 138 6.33 -40.15 -3.94
N GLU C 139 7.11 -41.19 -4.22
CA GLU C 139 7.99 -41.70 -3.16
C GLU C 139 9.02 -40.69 -2.64
N GLU C 140 9.48 -39.78 -3.50
CA GLU C 140 10.44 -38.78 -3.07
C GLU C 140 9.97 -37.89 -1.89
N TYR C 141 8.64 -37.83 -1.67
CA TYR C 141 8.05 -36.98 -0.64
C TYR C 141 7.55 -37.74 0.59
N GLN C 142 7.82 -39.04 0.64
CA GLN C 142 7.25 -39.88 1.69
C GLN C 142 7.60 -39.45 3.11
N GLN C 143 8.77 -38.83 3.32
CA GLN C 143 9.17 -38.40 4.65
C GLN C 143 8.19 -37.41 5.28
N ALA C 144 7.75 -36.40 4.52
CA ALA C 144 6.80 -35.42 5.03
C ALA C 144 5.38 -35.97 4.94
N VAL C 145 5.07 -36.67 3.86
CA VAL C 145 3.69 -37.04 3.58
C VAL C 145 3.20 -38.17 4.50
N TYR C 146 4.09 -39.13 4.73
CA TYR C 146 3.84 -40.23 5.69
C TYR C 146 2.53 -40.94 5.31
N ILE C 147 1.63 -41.16 6.27
CA ILE C 147 0.44 -41.97 6.03
C ILE C 147 -0.69 -41.20 5.38
N ARG C 148 -0.47 -39.91 5.11
CA ARG C 148 -1.51 -39.13 4.45
C ARG C 148 -1.69 -39.63 3.03
N SER C 149 -2.93 -39.62 2.54
CA SER C 149 -3.21 -39.93 1.15
C SER C 149 -4.31 -39.03 0.66
N ASN C 150 -4.34 -38.81 -0.64
CA ASN C 150 -5.41 -37.95 -1.19
C ASN C 150 -6.79 -38.59 -1.02
N GLU C 151 -6.85 -39.91 -0.98
CA GLU C 151 -8.12 -40.61 -0.77
C GLU C 151 -8.63 -40.30 0.63
N LYS C 152 -7.76 -40.39 1.64
CA LYS C 152 -8.19 -40.09 2.99
C LYS C 152 -8.59 -38.60 3.12
N ILE C 153 -7.76 -37.72 2.57
CA ILE C 153 -8.03 -36.29 2.65
C ILE C 153 -9.38 -35.96 2.00
N GLN C 154 -9.64 -36.52 0.82
CA GLN C 154 -10.96 -36.24 0.21
C GLN C 154 -12.12 -36.80 1.02
N ASN C 155 -11.94 -37.93 1.69
CA ASN C 155 -13.00 -38.41 2.58
C ASN C 155 -13.23 -37.49 3.77
N TRP C 156 -12.14 -37.00 4.36
CA TRP C 156 -12.32 -36.05 5.46
C TRP C 156 -12.97 -34.75 4.96
N ASN C 157 -12.58 -34.30 3.76
CA ASN C 157 -13.19 -33.11 3.20
C ASN C 157 -14.67 -33.25 3.00
N GLN C 158 -15.14 -34.44 2.62
CA GLN C 158 -16.58 -34.62 2.50
C GLN C 158 -17.22 -34.44 3.87
N ALA C 159 -16.55 -34.93 4.92
CA ALA C 159 -17.10 -34.75 6.29
C ALA C 159 -17.10 -33.27 6.73
N TYR C 160 -16.05 -32.55 6.36
CA TYR C 160 -15.99 -31.13 6.66
C TYR C 160 -17.13 -30.40 5.96
N GLN C 161 -17.38 -30.77 4.71
CA GLN C 161 -18.44 -30.12 3.97
C GLN C 161 -19.80 -30.37 4.62
N GLU C 162 -20.00 -31.60 5.08
CA GLU C 162 -21.25 -31.93 5.76
C GLU C 162 -21.41 -31.15 7.06
N LEU C 163 -20.33 -31.04 7.83
CA LEU C 163 -20.39 -30.30 9.07
C LEU C 163 -20.67 -28.82 8.79
N ALA C 164 -19.99 -28.25 7.80
CA ALA C 164 -20.26 -26.85 7.47
C ALA C 164 -21.72 -26.64 7.08
N SER C 165 -22.33 -27.61 6.41
CA SER C 165 -23.71 -27.45 5.92
C SER C 165 -24.70 -27.34 7.08
N ALA C 166 -24.30 -27.78 8.27
CA ALA C 166 -25.20 -27.81 9.44
C ALA C 166 -25.24 -26.47 10.22
N TYR C 167 -24.24 -25.61 9.97
CA TYR C 167 -24.01 -24.40 10.78
C TYR C 167 -24.12 -23.13 9.96
N GLN C 169 -23.15 -20.03 10.35
CA GLN C 169 -22.11 -19.09 9.97
C GLN C 169 -20.84 -19.77 9.49
N VAL C 170 -20.96 -20.99 8.99
CA VAL C 170 -19.79 -21.73 8.50
C VAL C 170 -19.98 -22.01 7.01
N GLU C 171 -18.97 -21.65 6.22
CA GLU C 171 -18.94 -21.93 4.79
C GLU C 171 -17.75 -22.84 4.50
N PHE C 172 -17.99 -23.99 3.86
CA PHE C 172 -16.92 -24.85 3.41
C PHE C 172 -16.28 -24.21 2.18
N VAL C 173 -14.94 -24.16 2.17
CA VAL C 173 -14.18 -23.53 1.09
C VAL C 173 -13.38 -24.61 0.34
N PRO C 174 -13.87 -25.05 -0.82
CA PRO C 174 -13.21 -26.11 -1.57
C PRO C 174 -12.01 -25.58 -2.35
N VAL C 175 -10.83 -25.73 -1.77
CA VAL C 175 -9.60 -25.31 -2.45
C VAL C 175 -8.75 -26.50 -2.92
N PHE C 176 -9.11 -27.72 -2.52
CA PHE C 176 -8.31 -28.93 -2.87
C PHE C 176 -8.06 -29.00 -4.38
N ASP C 177 -9.11 -28.87 -5.20
CA ASP C 177 -8.95 -29.07 -6.64
C ASP C 177 -8.08 -28.02 -7.38
N CYS C 178 -7.89 -26.87 -6.71
N CYS C 178 -7.89 -26.83 -6.82
CA CYS C 178 -7.10 -25.75 -7.21
CA CYS C 178 -7.04 -25.90 -7.54
C CYS C 178 -5.60 -25.98 -7.08
C CYS C 178 -5.56 -26.22 -7.36
N LEU C 179 -5.24 -27.04 -6.35
CA LEU C 179 -3.85 -27.32 -6.04
C LEU C 179 -3.30 -28.60 -6.66
N THR C 180 -4.15 -29.31 -7.41
CA THR C 180 -3.76 -30.61 -7.94
C THR C 180 -3.34 -30.57 -9.39
N ASP C 181 -2.50 -31.54 -9.74
CA ASP C 181 -2.08 -31.74 -11.12
C ASP C 181 -3.07 -32.73 -11.78
N GLN C 182 -2.78 -33.22 -12.97
CA GLN C 182 -3.73 -34.07 -13.68
C GLN C 182 -3.80 -35.47 -13.11
N ALA C 183 -2.81 -35.82 -12.30
CA ALA C 183 -2.79 -37.09 -11.59
C ALA C 183 -3.45 -36.97 -10.21
N GLY C 184 -3.99 -35.79 -9.88
CA GLY C 184 -4.72 -35.58 -8.62
C GLY C 184 -3.81 -35.39 -7.42
N GLN C 185 -2.53 -35.13 -7.69
CA GLN C 185 -1.53 -34.87 -6.63
C GLN C 185 -1.33 -33.39 -6.44
N LEU C 186 -0.96 -32.99 -5.23
CA LEU C 186 -0.48 -31.61 -5.04
C LEU C 186 0.63 -31.34 -6.07
N LYS C 187 0.50 -30.26 -6.85
CA LYS C 187 1.49 -30.11 -7.94
C LYS C 187 2.90 -30.06 -7.37
N LYS C 188 3.86 -30.70 -8.07
CA LYS C 188 5.25 -30.64 -7.64
C LYS C 188 5.73 -29.21 -7.45
N GLU C 189 5.35 -28.31 -8.35
CA GLU C 189 5.78 -26.91 -8.24
C GLU C 189 5.10 -26.13 -7.11
N TYR C 190 4.02 -26.72 -6.58
CA TYR C 190 3.27 -26.13 -5.48
C TYR C 190 3.73 -26.56 -4.11
N THR C 191 4.71 -27.47 -4.07
CA THR C 191 5.12 -28.08 -2.81
C THR C 191 6.62 -28.03 -2.60
N THR C 192 7.02 -27.92 -1.33
CA THR C 192 8.44 -28.04 -0.99
C THR C 192 8.80 -29.49 -0.61
N ASP C 193 7.92 -30.19 0.12
CA ASP C 193 8.28 -31.53 0.61
C ASP C 193 7.15 -32.52 0.43
N GLY C 194 6.11 -32.11 -0.31
CA GLY C 194 4.98 -32.98 -0.62
C GLY C 194 3.73 -32.67 0.18
N LEU C 195 3.92 -31.88 1.24
CA LEU C 195 2.88 -31.52 2.19
C LEU C 195 2.80 -30.01 2.31
N HIS C 196 3.93 -29.36 2.61
CA HIS C 196 3.96 -27.91 2.74
C HIS C 196 3.99 -27.22 1.38
N LEU C 197 3.54 -25.97 1.34
CA LEU C 197 3.42 -25.26 0.05
C LEU C 197 4.67 -24.46 -0.28
N SER C 198 5.03 -24.44 -1.56
CA SER C 198 5.99 -23.45 -2.06
C SER C 198 5.29 -22.11 -2.20
N ILE C 199 6.02 -21.08 -2.65
CA ILE C 199 5.39 -19.78 -2.86
C ILE C 199 4.36 -19.88 -3.99
N ALA C 200 4.69 -20.62 -5.06
CA ALA C 200 3.69 -20.82 -6.13
C ALA C 200 2.44 -21.48 -5.58
N GLY C 201 2.61 -22.46 -4.67
CA GLY C 201 1.42 -23.10 -4.07
C GLY C 201 0.62 -22.11 -3.23
N TYR C 202 1.31 -21.27 -2.44
CA TYR C 202 0.59 -20.21 -1.69
C TYR C 202 -0.09 -19.18 -2.61
N GLN C 203 0.51 -18.90 -3.77
CA GLN C 203 -0.13 -18.00 -4.75
C GLN C 203 -1.43 -18.63 -5.23
N ALA C 204 -1.40 -19.94 -5.51
CA ALA C 204 -2.60 -20.62 -6.02
C ALA C 204 -3.70 -20.68 -4.93
N LEU C 205 -3.29 -20.97 -3.70
CA LEU C 205 -4.25 -21.01 -2.60
C LEU C 205 -4.86 -19.60 -2.38
N SER C 206 -4.00 -18.57 -2.42
CA SER C 206 -4.46 -17.19 -2.20
C SER C 206 -5.44 -16.80 -3.28
N LYS C 207 -5.15 -17.17 -4.54
CA LYS C 207 -6.09 -16.86 -5.63
C LYS C 207 -7.45 -17.52 -5.39
N SER C 208 -7.43 -18.77 -4.92
N SER C 208 -7.46 -18.78 -4.93
CA SER C 208 -8.68 -19.49 -4.68
CA SER C 208 -8.73 -19.45 -4.65
C SER C 208 -9.44 -19.00 -3.44
C SER C 208 -9.49 -18.71 -3.56
N LEU C 209 -8.76 -18.28 -2.53
CA LEU C 209 -9.40 -17.74 -1.32
C LEU C 209 -9.95 -16.34 -1.53
N LYS C 210 -9.45 -15.65 -2.55
CA LYS C 210 -9.75 -14.23 -2.71
C LYS C 210 -11.24 -13.88 -2.71
N ASP C 211 -12.09 -14.70 -3.34
CA ASP C 211 -13.54 -14.43 -3.39
C ASP C 211 -14.21 -14.62 -2.03
N TYR C 212 -13.56 -15.37 -1.15
CA TYR C 212 -14.08 -15.57 0.21
C TYR C 212 -13.59 -14.52 1.20
N LEU C 213 -12.50 -13.85 0.86
N LEU C 213 -12.50 -13.83 0.86
CA LEU C 213 -11.92 -12.78 1.67
CA LEU C 213 -11.90 -12.78 1.69
C LEU C 213 -12.59 -11.45 1.36
C LEU C 213 -12.44 -11.40 1.38
N TYR C 214 -12.55 -11.07 0.08
CA TYR C 214 -12.94 -9.72 -0.38
C TYR C 214 -14.24 -9.79 -1.18
N SER D 1 -12.40 43.64 -19.86
CA SER D 1 -13.10 43.13 -18.65
C SER D 1 -14.23 44.02 -18.13
N ASN D 2 -14.94 43.48 -17.14
CA ASN D 2 -16.20 44.01 -16.63
C ASN D 2 -16.27 43.66 -15.14
N ALA D 3 -16.45 44.67 -14.29
CA ALA D 3 -16.34 44.53 -12.83
C ALA D 3 -17.30 43.52 -12.20
N ALA D 5 -18.33 40.87 -13.87
CA ALA D 5 -17.68 39.62 -14.27
C ALA D 5 -16.42 39.34 -13.44
N VAL D 6 -15.67 40.40 -13.08
CA VAL D 6 -14.54 40.30 -12.15
C VAL D 6 -14.98 39.61 -10.85
N GLN D 7 -16.00 40.17 -10.19
CA GLN D 7 -16.55 39.60 -8.97
C GLN D 7 -16.94 38.13 -9.15
N LEU D 8 -17.65 37.82 -10.22
CA LEU D 8 -18.14 36.45 -10.39
C LEU D 8 -17.02 35.43 -10.66
N LEU D 9 -15.96 35.86 -11.35
CA LEU D 9 -14.76 35.03 -11.52
C LEU D 9 -14.04 34.82 -10.22
N GLU D 10 -13.90 35.88 -9.43
CA GLU D 10 -13.35 35.75 -8.08
C GLU D 10 -14.25 34.76 -7.32
N ASN D 11 -15.56 34.89 -7.54
CA ASN D 11 -16.53 33.97 -6.97
C ASN D 11 -16.36 32.55 -7.50
N TRP D 12 -16.03 32.42 -8.79
N TRP D 12 -16.05 32.43 -8.79
CA TRP D 12 -15.79 31.09 -9.39
CA TRP D 12 -15.78 31.14 -9.42
C TRP D 12 -14.59 30.40 -8.73
C TRP D 12 -14.63 30.45 -8.66
N LEU D 13 -13.52 31.16 -8.51
CA LEU D 13 -12.32 30.61 -7.89
C LEU D 13 -12.59 30.20 -6.44
N LEU D 14 -13.26 31.07 -5.69
CA LEU D 14 -13.64 30.73 -4.31
C LEU D 14 -14.50 29.47 -4.22
N LYS D 15 -15.51 29.34 -5.07
N LYS D 15 -15.51 29.40 -5.08
CA LYS D 15 -16.36 28.12 -4.99
CA LYS D 15 -16.40 28.23 -5.19
C LYS D 15 -15.62 26.86 -5.41
C LYS D 15 -15.58 26.95 -5.37
N GLU D 16 -14.73 26.95 -6.39
CA GLU D 16 -13.90 25.79 -6.73
C GLU D 16 -12.99 25.39 -5.55
N GLN D 17 -12.38 26.37 -4.88
CA GLN D 17 -11.51 26.06 -3.74
C GLN D 17 -12.31 25.39 -2.61
N GLU D 18 -13.49 25.93 -2.31
CA GLU D 18 -14.36 25.37 -1.29
C GLU D 18 -14.80 23.93 -1.65
N LYS D 19 -15.11 23.69 -2.92
CA LYS D 19 -15.46 22.33 -3.37
C LYS D 19 -14.29 21.36 -3.17
N ILE D 20 -13.07 21.82 -3.47
CA ILE D 20 -11.92 20.94 -3.30
C ILE D 20 -11.62 20.70 -1.83
N GLN D 21 -11.77 21.74 -1.01
CA GLN D 21 -11.59 21.53 0.43
C GLN D 21 -12.58 20.48 1.00
N THR D 22 -13.82 20.52 0.53
CA THR D 22 -14.82 19.56 0.97
C THR D 22 -14.44 18.15 0.54
N LYS D 23 -13.99 18.04 -0.70
CA LYS D 23 -13.54 16.77 -1.27
C LYS D 23 -12.40 16.20 -0.41
N TYR D 24 -11.40 17.03 -0.14
CA TYR D 24 -10.28 16.55 0.65
C TYR D 24 -10.68 16.16 2.07
N ARG D 25 -11.57 16.92 2.69
CA ARG D 25 -11.96 16.59 4.05
C ARG D 25 -12.60 15.21 4.12
N HIS D 26 -13.39 14.86 3.10
CA HIS D 26 -14.02 13.55 3.12
C HIS D 26 -13.01 12.46 2.75
N LEU D 27 -12.14 12.73 1.76
CA LEU D 27 -11.13 11.72 1.44
C LEU D 27 -10.19 11.45 2.60
N ASN D 28 -9.89 12.47 3.41
CA ASN D 28 -9.01 12.28 4.56
C ASN D 28 -9.54 11.18 5.48
N HIS D 29 -10.85 10.97 5.48
CA HIS D 29 -11.46 9.97 6.36
C HIS D 29 -11.59 8.59 5.73
N ILE D 30 -11.83 8.56 4.42
CA ILE D 30 -12.13 7.29 3.78
C ILE D 30 -11.02 6.78 2.84
N SER D 31 -9.96 7.56 2.69
CA SER D 31 -8.87 7.08 1.82
C SER D 31 -8.38 5.67 2.20
N VAL D 32 -8.05 4.87 1.19
CA VAL D 32 -7.56 3.52 1.43
C VAL D 32 -6.02 3.46 1.41
N VAL D 33 -5.35 4.60 1.22
CA VAL D 33 -3.89 4.59 1.22
C VAL D 33 -3.36 5.35 2.43
N GLU D 34 -2.13 5.06 2.81
CA GLU D 34 -1.42 5.81 3.84
C GLU D 34 -0.43 6.73 3.15
N PRO D 35 -0.62 8.06 3.25
CA PRO D 35 0.36 8.91 2.61
C PRO D 35 1.72 8.81 3.27
N ASN D 36 2.75 8.53 2.49
CA ASN D 36 4.11 8.65 2.98
C ASN D 36 4.57 10.10 2.87
N ILE D 37 4.15 10.75 1.78
CA ILE D 37 4.45 12.15 1.53
C ILE D 37 3.11 12.82 1.21
N LEU D 38 2.85 13.96 1.85
CA LEU D 38 1.75 14.82 1.44
C LEU D 38 2.32 16.00 0.69
N PHE D 39 1.85 16.26 -0.53
N PHE D 39 1.79 16.29 -0.50
CA PHE D 39 2.24 17.48 -1.27
CA PHE D 39 2.22 17.47 -1.26
C PHE D 39 1.12 18.48 -1.05
C PHE D 39 1.14 18.55 -1.16
N ILE D 40 1.47 19.61 -0.45
CA ILE D 40 0.48 20.66 -0.12
C ILE D 40 0.90 21.96 -0.80
N GLY D 41 -0.08 22.69 -1.29
CA GLY D 41 0.22 24.00 -1.88
C GLY D 41 -0.79 24.48 -2.86
N ASP D 42 -0.31 25.23 -3.85
CA ASP D 42 -1.22 25.97 -4.74
C ASP D 42 -1.44 25.26 -6.08
N SER D 43 -1.68 25.99 -7.16
CA SER D 43 -2.01 25.35 -8.45
C SER D 43 -0.89 24.42 -8.92
N ILE D 44 0.36 24.82 -8.73
CA ILE D 44 1.47 24.01 -9.21
C ILE D 44 1.43 22.62 -8.57
N VAL D 45 1.03 22.55 -7.30
CA VAL D 45 0.82 21.26 -6.65
C VAL D 45 -0.44 20.56 -7.19
N GLU D 46 -1.58 21.26 -7.22
CA GLU D 46 -2.81 20.59 -7.67
C GLU D 46 -2.64 19.90 -9.01
N TYR D 47 -1.93 20.57 -9.91
CA TYR D 47 -1.79 20.09 -11.30
C TYR D 47 -0.59 19.19 -11.53
N TYR D 48 0.15 18.91 -10.47
CA TYR D 48 1.39 18.13 -10.57
C TYR D 48 1.07 16.67 -10.84
N PRO D 49 1.59 16.10 -11.94
CA PRO D 49 1.39 14.66 -12.22
C PRO D 49 2.32 13.84 -11.40
N LEU D 50 2.01 13.74 -10.12
CA LEU D 50 2.92 13.06 -9.19
C LEU D 50 3.17 11.59 -9.49
N GLN D 51 2.08 10.87 -9.74
CA GLN D 51 2.20 9.42 -10.01
C GLN D 51 3.09 9.17 -11.20
N GLU D 52 2.81 9.87 -12.30
CA GLU D 52 3.48 9.55 -13.55
C GLU D 52 4.92 10.05 -13.60
N LEU D 53 5.28 10.98 -12.73
CA LEU D 53 6.68 11.48 -12.73
C LEU D 53 7.52 10.94 -11.59
N PHE D 54 6.90 10.62 -10.44
CA PHE D 54 7.66 9.99 -9.34
C PHE D 54 7.49 8.47 -9.25
N GLY D 55 6.40 7.96 -9.83
CA GLY D 55 6.06 6.55 -9.69
C GLY D 55 5.19 6.26 -8.49
N THR D 56 4.96 4.98 -8.23
CA THR D 56 3.97 4.58 -7.24
C THR D 56 4.56 3.84 -6.05
N SER D 57 5.88 3.62 -6.07
CA SER D 57 6.45 2.79 -4.99
C SER D 57 6.39 3.53 -3.66
N LYS D 58 6.52 4.85 -3.71
CA LYS D 58 6.38 5.71 -2.54
C LYS D 58 5.05 6.41 -2.73
N THR D 59 4.17 6.33 -1.74
CA THR D 59 2.83 6.91 -1.86
C THR D 59 2.84 8.39 -1.52
N ILE D 60 2.63 9.18 -2.57
CA ILE D 60 2.61 10.63 -2.47
C ILE D 60 1.19 11.05 -2.81
N VAL D 61 0.60 11.80 -1.89
CA VAL D 61 -0.80 12.21 -2.04
C VAL D 61 -0.91 13.70 -2.28
N ASN D 62 -1.77 14.07 -3.22
CA ASN D 62 -1.93 15.46 -3.63
C ASN D 62 -2.95 16.14 -2.73
N ARG D 63 -2.49 17.20 -2.06
CA ARG D 63 -3.43 18.06 -1.35
C ARG D 63 -3.18 19.53 -1.78
N GLY D 64 -3.02 19.72 -3.08
CA GLY D 64 -2.89 21.10 -3.61
C GLY D 64 -4.24 21.66 -4.04
N ILE D 65 -4.32 22.98 -4.07
CA ILE D 65 -5.53 23.68 -4.50
C ILE D 65 -5.17 24.91 -5.31
N ARG D 66 -5.74 25.01 -6.51
CA ARG D 66 -5.50 26.16 -7.38
C ARG D 66 -5.78 27.47 -6.67
N GLY D 67 -4.94 28.46 -6.97
CA GLY D 67 -5.12 29.80 -6.46
C GLY D 67 -4.81 29.98 -4.99
N TYR D 68 -4.23 28.96 -4.33
CA TYR D 68 -4.09 29.04 -2.86
C TYR D 68 -3.01 30.03 -2.48
N GLN D 69 -3.20 30.61 -1.32
CA GLN D 69 -2.26 31.54 -0.71
C GLN D 69 -2.01 31.06 0.69
N THR D 70 -0.96 31.56 1.32
CA THR D 70 -0.58 31.08 2.66
C THR D 70 -1.71 31.25 3.68
N GLY D 71 -2.42 32.37 3.62
CA GLY D 71 -3.52 32.58 4.57
C GLY D 71 -4.67 31.59 4.43
N LEU D 72 -4.99 31.23 3.19
CA LEU D 72 -6.09 30.28 2.94
C LEU D 72 -5.69 28.90 3.43
N LEU D 73 -4.42 28.56 3.22
CA LEU D 73 -3.92 27.26 3.67
C LEU D 73 -3.94 27.15 5.19
N LEU D 74 -3.48 28.20 5.85
CA LEU D 74 -3.50 28.18 7.30
C LEU D 74 -4.93 28.02 7.86
N GLU D 75 -5.87 28.78 7.31
CA GLU D 75 -7.26 28.73 7.77
C GLU D 75 -7.88 27.34 7.59
N ASN D 76 -7.50 26.66 6.50
CA ASN D 76 -8.08 25.37 6.12
C ASN D 76 -7.10 24.23 6.22
N LEU D 77 -6.10 24.35 7.09
CA LEU D 77 -5.01 23.40 7.11
C LEU D 77 -5.47 21.95 7.32
N ASP D 78 -6.56 21.78 8.06
CA ASP D 78 -7.08 20.45 8.34
C ASP D 78 -7.46 19.67 7.09
N ALA D 79 -7.84 20.38 6.03
CA ALA D 79 -8.21 19.69 4.80
C ALA D 79 -7.02 18.99 4.14
N HIS D 80 -5.81 19.37 4.58
CA HIS D 80 -4.60 18.99 3.82
C HIS D 80 -3.79 17.95 4.52
N LEU D 81 -4.26 17.49 5.69
CA LEU D 81 -3.46 16.57 6.52
C LEU D 81 -4.25 15.35 6.93
N TYR D 82 -3.71 14.16 6.63
CA TYR D 82 -4.20 12.91 7.21
C TYR D 82 -3.11 11.87 7.13
N GLY D 83 -3.34 10.77 7.84
CA GLY D 83 -2.48 9.61 7.78
C GLY D 83 -1.86 9.26 9.10
N GLY D 84 -1.53 8.00 9.24
CA GLY D 84 -0.88 7.50 10.45
C GLY D 84 0.63 7.38 10.37
N ALA D 85 1.21 7.65 9.19
CA ALA D 85 2.65 7.45 9.01
C ALA D 85 3.23 8.43 7.98
N VAL D 86 2.92 9.70 8.18
CA VAL D 86 3.39 10.72 7.23
C VAL D 86 4.86 11.03 7.53
N ASP D 87 5.72 10.66 6.60
CA ASP D 87 7.15 10.95 6.76
C ASP D 87 7.47 12.42 6.48
N LYS D 88 6.88 12.96 5.41
CA LYS D 88 7.24 14.29 4.95
C LYS D 88 6.03 14.96 4.37
N ILE D 89 6.02 16.28 4.53
CA ILE D 89 5.10 17.18 3.85
C ILE D 89 5.93 18.08 2.97
N PHE D 90 5.62 18.10 1.67
CA PHE D 90 6.24 19.07 0.75
C PHE D 90 5.29 20.22 0.62
N LEU D 91 5.79 21.43 0.82
CA LEU D 91 4.97 22.61 0.79
C LEU D 91 5.50 23.58 -0.28
N LEU D 92 4.63 23.89 -1.24
CA LEU D 92 4.96 24.83 -2.31
C LEU D 92 3.83 25.85 -2.34
N ILE D 93 4.13 27.04 -1.85
CA ILE D 93 3.12 28.07 -1.74
C ILE D 93 3.78 29.41 -1.61
N GLY D 94 3.07 30.44 -2.07
CA GLY D 94 3.52 31.81 -1.93
C GLY D 94 3.45 32.61 -3.21
N THR D 95 3.50 31.95 -4.37
CA THR D 95 3.48 32.72 -5.63
C THR D 95 2.22 33.57 -5.75
N ASN D 96 1.12 33.07 -5.17
CA ASN D 96 -0.14 33.79 -5.24
C ASN D 96 -0.23 34.88 -4.19
N ASP D 97 0.49 34.71 -3.09
CA ASP D 97 0.65 35.82 -2.13
C ASP D 97 1.39 36.97 -2.83
N ILE D 98 2.47 36.65 -3.53
CA ILE D 98 3.19 37.68 -4.31
C ILE D 98 2.26 38.32 -5.36
N GLY D 99 1.51 37.49 -6.08
CA GLY D 99 0.62 38.02 -7.15
C GLY D 99 -0.53 38.88 -6.63
N LYS D 100 -0.85 38.76 -5.34
CA LYS D 100 -1.89 39.57 -4.66
C LYS D 100 -1.30 40.65 -3.76
N ASP D 101 0.01 40.83 -3.81
CA ASP D 101 0.71 41.87 -3.03
C ASP D 101 0.51 41.74 -1.50
N VAL D 102 0.40 40.50 -1.03
CA VAL D 102 0.38 40.19 0.41
C VAL D 102 1.73 40.58 1.03
N PRO D 103 1.73 41.30 2.18
CA PRO D 103 3.04 41.65 2.76
C PRO D 103 3.87 40.42 3.08
N VAL D 104 5.16 40.45 2.75
CA VAL D 104 6.01 39.28 2.99
C VAL D 104 5.97 38.82 4.46
N ASN D 105 5.98 39.76 5.40
CA ASN D 105 5.88 39.41 6.81
C ASN D 105 4.57 38.71 7.19
N GLU D 106 3.47 39.06 6.53
CA GLU D 106 2.23 38.35 6.75
C GLU D 106 2.31 36.91 6.20
N ALA D 107 2.81 36.74 4.98
CA ALA D 107 3.01 35.39 4.44
C ALA D 107 3.92 34.54 5.33
N LEU D 108 5.03 35.12 5.79
N LEU D 108 5.02 35.12 5.81
CA LEU D 108 5.96 34.42 6.67
CA LEU D 108 5.96 34.38 6.65
C LEU D 108 5.28 33.99 7.97
C LEU D 108 5.42 34.05 8.06
N ASN D 109 4.58 34.92 8.61
CA ASN D 109 3.85 34.59 9.84
C ASN D 109 2.86 33.46 9.60
N ASN D 110 2.20 33.48 8.43
CA ASN D 110 1.29 32.38 8.08
C ASN D 110 2.05 31.06 7.99
N LEU D 111 3.19 31.07 7.30
CA LEU D 111 3.98 29.85 7.14
C LEU D 111 4.49 29.37 8.46
N GLU D 112 4.93 30.30 9.32
CA GLU D 112 5.42 29.91 10.63
C GLU D 112 4.32 29.24 11.44
N ALA D 113 3.10 29.79 11.37
CA ALA D 113 1.99 29.15 12.08
C ALA D 113 1.65 27.73 11.54
N ILE D 114 1.73 27.56 10.23
CA ILE D 114 1.53 26.23 9.61
C ILE D 114 2.57 25.22 10.18
N ILE D 115 3.83 25.61 10.16
CA ILE D 115 4.90 24.76 10.67
C ILE D 115 4.61 24.38 12.12
N GLN D 116 4.27 25.37 12.93
CA GLN D 116 3.97 25.09 14.33
C GLN D 116 2.73 24.19 14.53
N SER D 117 1.71 24.37 13.70
CA SER D 117 0.52 23.55 13.82
C SER D 117 0.82 22.08 13.44
N VAL D 118 1.59 21.90 12.38
CA VAL D 118 2.01 20.56 11.98
C VAL D 118 2.83 19.88 13.07
N ALA D 119 3.72 20.64 13.73
CA ALA D 119 4.59 20.11 14.81
C ALA D 119 3.79 19.50 15.97
N ARG D 120 2.66 20.14 16.27
CA ARG D 120 1.81 19.69 17.33
C ARG D 120 1.14 18.38 16.95
N ASP D 121 0.61 18.31 15.74
CA ASP D 121 -0.19 17.14 15.35
C ASP D 121 0.61 16.02 14.65
N TYR D 122 1.75 16.35 14.07
CA TYR D 122 2.57 15.39 13.33
C TYR D 122 4.01 15.57 13.78
N PRO D 123 4.30 15.23 15.06
CA PRO D 123 5.61 15.62 15.58
C PRO D 123 6.85 14.99 14.93
N LEU D 124 6.70 13.82 14.30
CA LEU D 124 7.85 13.14 13.69
C LEU D 124 7.94 13.41 12.19
N THR D 125 7.04 14.24 11.68
CA THR D 125 7.00 14.52 10.26
C THR D 125 7.91 15.68 9.90
N GLU D 126 8.66 15.52 8.81
CA GLU D 126 9.52 16.58 8.28
C GLU D 126 8.74 17.46 7.32
N ILE D 127 9.06 18.76 7.26
CA ILE D 127 8.48 19.65 6.27
C ILE D 127 9.58 20.04 5.31
N LYS D 128 9.32 19.85 4.03
CA LYS D 128 10.24 20.33 2.99
C LYS D 128 9.61 21.58 2.40
N LEU D 129 10.19 22.73 2.71
CA LEU D 129 9.61 24.01 2.28
C LEU D 129 10.30 24.42 0.98
N LEU D 130 9.55 24.32 -0.12
CA LEU D 130 10.16 24.56 -1.42
C LEU D 130 10.35 26.04 -1.65
N SER D 131 11.43 26.39 -2.33
CA SER D 131 11.52 27.74 -2.88
C SER D 131 10.31 28.00 -3.80
N ILE D 132 9.74 29.19 -3.73
CA ILE D 132 8.79 29.63 -4.76
C ILE D 132 9.50 29.57 -6.12
N LEU D 133 8.79 29.07 -7.13
CA LEU D 133 9.42 28.85 -8.42
C LEU D 133 9.57 30.17 -9.21
N PRO D 134 10.52 30.23 -10.17
CA PRO D 134 10.67 31.43 -11.02
C PRO D 134 9.48 31.56 -11.99
N VAL D 135 9.33 32.77 -12.51
CA VAL D 135 8.42 33.05 -13.58
C VAL D 135 9.21 33.42 -14.83
N ASN D 136 8.53 33.45 -15.97
CA ASN D 136 9.13 33.92 -17.19
C ASN D 136 8.61 35.32 -17.46
N GLU D 137 9.55 36.26 -17.60
CA GLU D 137 9.21 37.68 -17.66
C GLU D 137 9.02 38.19 -19.10
N ARG D 138 9.03 37.28 -20.09
CA ARG D 138 8.81 37.68 -21.50
C ARG D 138 7.44 38.34 -21.62
N GLU D 139 7.34 39.34 -22.50
CA GLU D 139 6.09 40.08 -22.67
C GLU D 139 4.86 39.19 -22.94
N GLU D 140 5.05 38.11 -23.70
CA GLU D 140 3.95 37.22 -24.09
C GLU D 140 3.26 36.52 -22.90
N TYR D 141 3.91 36.50 -21.74
CA TYR D 141 3.39 35.80 -20.57
C TYR D 141 2.84 36.72 -19.48
N GLN D 142 2.78 38.02 -19.78
CA GLN D 142 2.39 39.01 -18.77
C GLN D 142 1.00 38.78 -18.11
N GLN D 143 0.08 38.15 -18.84
N GLN D 143 0.06 38.20 -18.85
CA GLN D 143 -1.30 37.86 -18.36
CA GLN D 143 -1.28 37.90 -18.32
C GLN D 143 -1.40 36.90 -17.17
C GLN D 143 -1.21 37.05 -17.06
N ALA D 144 -0.53 35.90 -17.13
CA ALA D 144 -0.47 34.97 -16.01
C ALA D 144 0.53 35.45 -14.97
N VAL D 145 1.66 35.98 -15.43
CA VAL D 145 2.74 36.38 -14.51
C VAL D 145 2.35 37.59 -13.67
N TYR D 146 1.68 38.57 -14.29
CA TYR D 146 1.13 39.72 -13.57
C TYR D 146 2.25 40.42 -12.79
N ILE D 147 2.00 40.81 -11.54
CA ILE D 147 2.99 41.60 -10.82
C ILE D 147 4.16 40.79 -10.20
N ARG D 148 4.18 39.48 -10.43
CA ARG D 148 5.30 38.69 -9.94
C ARG D 148 6.57 39.06 -10.70
N SER D 149 7.70 38.99 -10.02
CA SER D 149 9.02 39.18 -10.65
C SER D 149 9.97 38.24 -9.97
N ASN D 150 11.04 37.88 -10.68
CA ASN D 150 12.02 36.98 -10.11
C ASN D 150 12.83 37.61 -8.99
N GLU D 151 12.95 38.95 -8.98
CA GLU D 151 13.60 39.63 -7.86
C GLU D 151 12.77 39.50 -6.58
N LYS D 152 11.45 39.68 -6.68
CA LYS D 152 10.54 39.51 -5.53
C LYS D 152 10.60 38.06 -5.07
N ILE D 153 10.48 37.13 -6.02
CA ILE D 153 10.48 35.69 -5.68
C ILE D 153 11.78 35.32 -4.96
N GLN D 154 12.93 35.77 -5.47
CA GLN D 154 14.21 35.51 -4.81
C GLN D 154 14.28 36.13 -3.39
N ASN D 155 13.72 37.32 -3.20
CA ASN D 155 13.66 37.92 -1.86
C ASN D 155 12.79 37.11 -0.90
N TRP D 156 11.65 36.62 -1.39
CA TRP D 156 10.82 35.77 -0.55
C TRP D 156 11.55 34.48 -0.22
N ASN D 157 12.27 33.93 -1.19
CA ASN D 157 12.98 32.68 -0.98
C ASN D 157 14.06 32.79 0.06
N GLN D 158 14.67 33.98 0.17
CA GLN D 158 15.68 34.22 1.21
C GLN D 158 15.00 34.17 2.58
N ALA D 159 13.81 34.78 2.66
CA ALA D 159 13.01 34.72 3.89
C ALA D 159 12.55 33.29 4.26
N TYR D 160 12.10 32.52 3.27
CA TYR D 160 11.72 31.13 3.52
C TYR D 160 12.92 30.35 4.07
N GLN D 161 14.09 30.58 3.49
CA GLN D 161 15.32 29.89 3.92
C GLN D 161 15.62 30.22 5.38
N GLU D 162 15.40 31.48 5.77
CA GLU D 162 15.67 31.90 7.15
C GLU D 162 14.66 31.30 8.11
N LEU D 163 13.40 31.22 7.67
CA LEU D 163 12.36 30.59 8.48
C LEU D 163 12.71 29.10 8.70
N ALA D 164 13.14 28.42 7.63
CA ALA D 164 13.48 27.02 7.76
C ALA D 164 14.60 26.78 8.78
N SER D 165 15.51 27.75 8.89
CA SER D 165 16.68 27.56 9.77
C SER D 165 16.29 27.59 11.25
N ALA D 166 15.06 28.00 11.54
CA ALA D 166 14.59 28.12 12.92
C ALA D 166 13.87 26.87 13.44
N TYR D 167 13.74 25.84 12.59
CA TYR D 167 13.01 24.62 12.95
C TYR D 167 13.82 23.41 12.48
N GLN D 169 12.89 20.44 12.05
CA GLN D 169 12.13 19.54 11.17
C GLN D 169 11.84 20.13 9.79
N VAL D 170 12.21 21.40 9.58
CA VAL D 170 11.98 22.08 8.30
C VAL D 170 13.28 22.20 7.51
N GLU D 171 13.22 21.76 6.25
CA GLU D 171 14.36 21.94 5.34
C GLU D 171 13.88 22.77 4.17
N PHE D 172 14.60 23.85 3.90
CA PHE D 172 14.36 24.61 2.67
C PHE D 172 14.90 23.83 1.48
N VAL D 173 14.09 23.78 0.41
CA VAL D 173 14.43 23.00 -0.76
C VAL D 173 14.62 23.97 -1.94
N PRO D 174 15.89 24.26 -2.30
CA PRO D 174 16.19 25.25 -3.34
C PRO D 174 15.99 24.64 -4.71
N VAL D 175 14.81 24.84 -5.28
CA VAL D 175 14.53 24.32 -6.64
C VAL D 175 14.44 25.45 -7.68
N PHE D 176 14.37 26.70 -7.21
CA PHE D 176 14.30 27.86 -8.09
C PHE D 176 15.35 27.80 -9.20
N ASP D 177 16.61 27.62 -8.81
CA ASP D 177 17.70 27.69 -9.79
C ASP D 177 17.63 26.56 -10.83
N CYS D 178 17.07 25.41 -10.42
CA CYS D 178 16.91 24.27 -11.34
C CYS D 178 15.97 24.54 -12.50
N LEU D 179 15.07 25.50 -12.33
CA LEU D 179 14.04 25.77 -13.32
C LEU D 179 14.34 27.01 -14.16
N THR D 180 15.43 27.71 -13.81
CA THR D 180 15.77 28.94 -14.54
C THR D 180 16.61 28.68 -15.78
N ASP D 181 16.50 29.57 -16.76
CA ASP D 181 17.44 29.57 -17.87
C ASP D 181 18.64 30.45 -17.46
N GLN D 182 19.55 30.72 -18.38
CA GLN D 182 20.73 31.48 -18.02
C GLN D 182 20.46 32.97 -17.78
N ALA D 183 19.27 33.45 -18.10
CA ALA D 183 18.84 34.82 -17.83
C ALA D 183 18.08 34.92 -16.50
N GLY D 184 17.97 33.80 -15.81
CA GLY D 184 17.33 33.76 -14.49
C GLY D 184 15.82 33.76 -14.58
N GLN D 185 15.30 33.42 -15.77
CA GLN D 185 13.86 33.28 -15.99
C GLN D 185 13.45 31.80 -15.97
N LEU D 186 12.20 31.52 -15.57
CA LEU D 186 11.67 30.18 -15.78
C LEU D 186 11.84 29.80 -17.25
N LYS D 187 12.52 28.67 -17.52
CA LYS D 187 12.84 28.28 -18.91
C LYS D 187 11.59 28.22 -19.76
N LYS D 188 11.68 28.73 -20.99
CA LYS D 188 10.52 28.69 -21.86
C LYS D 188 9.95 27.26 -21.99
N GLU D 189 10.83 26.26 -22.14
CA GLU D 189 10.33 24.90 -22.29
C GLU D 189 9.63 24.36 -21.06
N TYR D 190 9.87 24.98 -19.91
CA TYR D 190 9.36 24.49 -18.62
C TYR D 190 8.01 25.10 -18.26
N THR D 191 7.52 26.01 -19.09
CA THR D 191 6.28 26.75 -18.77
C THR D 191 5.20 26.67 -19.85
N THR D 192 3.94 26.72 -19.42
CA THR D 192 2.83 26.86 -20.35
C THR D 192 2.48 28.33 -20.58
N ASP D 193 2.40 29.10 -19.49
CA ASP D 193 1.92 30.48 -19.56
C ASP D 193 2.80 31.50 -18.83
N GLY D 194 4.02 31.09 -18.47
CA GLY D 194 4.96 31.98 -17.79
C GLY D 194 5.00 31.78 -16.28
N LEU D 195 3.94 31.16 -15.75
CA LEU D 195 3.77 30.89 -14.32
C LEU D 195 3.62 29.38 -14.03
N HIS D 196 2.66 28.74 -14.69
CA HIS D 196 2.45 27.31 -14.55
C HIS D 196 3.44 26.48 -15.33
N LEU D 197 3.64 25.25 -14.88
CA LEU D 197 4.66 24.41 -15.47
C LEU D 197 4.12 23.55 -16.59
N SER D 198 4.93 23.39 -17.64
CA SER D 198 4.68 22.36 -18.67
C SER D 198 5.09 20.99 -18.12
N ILE D 199 4.82 19.93 -18.87
CA ILE D 199 5.29 18.61 -18.46
C ILE D 199 6.84 18.56 -18.36
N ALA D 200 7.54 19.19 -19.31
CA ALA D 200 9.03 19.26 -19.19
C ALA D 200 9.43 19.97 -17.91
N GLY D 201 8.70 21.04 -17.55
CA GLY D 201 8.94 21.75 -16.28
C GLY D 201 8.73 20.85 -15.07
N TYR D 202 7.60 20.13 -15.05
CA TYR D 202 7.38 19.18 -13.95
C TYR D 202 8.43 18.06 -13.92
N GLN D 203 8.89 17.64 -15.08
CA GLN D 203 9.90 16.57 -15.08
C GLN D 203 11.17 17.10 -14.42
N ALA D 204 11.51 18.34 -14.78
CA ALA D 204 12.74 18.96 -14.24
C ALA D 204 12.62 19.19 -12.74
N LEU D 205 11.44 19.66 -12.31
CA LEU D 205 11.17 19.85 -10.88
C LEU D 205 11.28 18.53 -10.13
N SER D 206 10.74 17.46 -10.72
CA SER D 206 10.78 16.16 -10.09
C SER D 206 12.21 15.64 -9.92
N LYS D 207 13.04 15.85 -10.94
CA LYS D 207 14.43 15.43 -10.86
C LYS D 207 15.15 16.18 -9.72
N SER D 208 14.85 17.47 -9.56
CA SER D 208 15.47 18.23 -8.48
C SER D 208 14.95 17.82 -7.11
N LEU D 209 13.69 17.34 -7.03
CA LEU D 209 13.08 16.98 -5.72
C LEU D 209 13.36 15.56 -5.26
N LYS D 210 13.75 14.68 -6.16
CA LYS D 210 13.76 13.25 -5.86
C LYS D 210 14.51 12.87 -4.57
N ASP D 211 15.71 13.39 -4.40
CA ASP D 211 16.53 13.05 -3.24
C ASP D 211 15.87 13.48 -1.95
N TYR D 212 15.07 14.54 -2.01
CA TYR D 212 14.41 15.08 -0.83
C TYR D 212 13.23 14.24 -0.38
N LEU D 213 12.82 13.29 -1.24
CA LEU D 213 11.75 12.35 -0.87
C LEU D 213 12.18 11.33 0.19
N TYR D 214 13.50 11.19 0.39
CA TYR D 214 14.05 10.19 1.29
C TYR D 214 14.70 10.84 2.53
#